data_8ROX
#
_entry.id   8ROX
#
_cell.length_a   1.00
_cell.length_b   1.00
_cell.length_c   1.00
_cell.angle_alpha   90.00
_cell.angle_beta   90.00
_cell.angle_gamma   90.00
#
_symmetry.space_group_name_H-M   'P 1'
#
loop_
_entity.id
_entity.type
_entity.pdbx_description
1 polymer 'DDB1- and CUL4-associated factor 15'
2 polymer 'DNA damage-binding protein 1'
3 polymer 'DET1- and DDB1-associated protein 1'
4 non-polymer 5-[[3,4-bis(chloranyl)-1~{H}-indol-7-yl]sulfamoyl]-~{N},~{N},3-trimethyl-furan-2-carboxamide;ethane
#
loop_
_entity_poly.entity_id
_entity_poly.type
_entity_poly.pdbx_seq_one_letter_code
_entity_poly.pdbx_strand_id
1 'polypeptide(L)'
;GSHMAPSSKSERNSGAGSGGGGPGGAGGKRAAGRRREHVLKQLERVKISGQLSPRLFRKLPPRVCVSLKNIVDEDFLYAG
HIFLGFSKCGRYVLSYTSSSGDDDFSFYIYHLYWWEFNVHSKLKLVRQVRLFQDEEIYSDLYLTVCEWPSDASKVIVFGF
NTRSANGMLMNMMMMSDENHRDIYVSTVAVPPPGRCAACQDASRAHPGDPNAQCLRHGFMLHTKYQVVYPFPTFQPAFQL
KKDQVVLLNTSYSLVACAVSVHSAGDRSFCQILYDHSTCPLAPASPPEPQSPELPPALPSFCPEAAPARSSGSPEPSPAI
AKAKEFVADIFRRAKEAKGGVPEEARPALCPGPSGSRCRAHSEPLALCGETAPRDSPPASEAPASEPGYVNYTKLYYVLE
SGEGTEPEDELEDDKISLPFVVTDLRGRNLRPMRERTAVQGQYLTVEQLTLDFEYVINEVIRHDATWGHQFCSFSDYDIV
ILEVCPETNQVLINIGLLLLAFPSPTEEGQLRPKTYHTSLKVAWDLNTGIFETVSVGDLTEVKGQTSGSVWSSYRKSCVD
MVMKWLVPESSGRYVNRMTNEALHKGCSLKVLADSERYTWIVL
;
A
2 'polypeptide(L)'
;MSYNYVVTAQKPTAVNGCVTGHFTSAEDLNLLIAKNTRLEIYVVTAEGLRPVKEVGMYGKIAVMELFRPKGESKDLLFIL
TAKYNACILEYKQSGESIDIITRAHGNVQDRIGRPSETGIIGIIDPECRMIGLRLYDGLFKVIPLDRDNKELKAFNIRLE
ELHVIDVKFLYGCQAPTICFVYQDPQGRHVKTYEVSLREKEFNKGPWKQENVEAEASMVIAVPEPFGGAIIIGQESITYH
NGDKYLAIAPPIIKQSTIVCHNRVDPNGSRYLLGDMEGRLFMLLLEKEEQMDGTVTLKDLRVELLGETSIAECLTYLDNG
VVFVGSRLGDSQLVKLNVDSNEQGSYVVAMETFTNLGPIVDMCVVDLERQGQGQLVTCSGAFKEGSLRIIRNGIGGNGNS
GEIQKLHIRTVPLYESPRKICYQEVSQCFGVLSSRIEVQDTSGGTTALRPSASTQALSSSVSSSKLFSSSTAPHETSFGE
EVEVHNLLIIDQHTFEVLHAHQFLQNEYALSLVSCKLGKDPNTYFIVGTAMVYPEEAEPKQGRIVVFQYSDGKLQTVAEK
EVKGAVYSMVEFNGKLLASINSTVRLYEWTTEKELRTECNHYNNIMALYLKTKGDFILVGDLMRSVLLLAYKPMEGNFEE
IARDFNPNWMSAVEILDDDNFLGAENAFNLFVCQKDSAATTDEERQHLQEVGLFHLGEFVNVFCHGSLVMQNLGETSTPT
QGSVLFGTVNGMIGLVTSLSESWYNLLLDMQNRLNKVIKSVGKIEHSFWRSFHTERKTEPATGFIDGDLIESFLDISRPK
MQEVVANLQYDDGSGMKREATADDLIKVVEELTRIH
;
B
3 'polypeptide(L)'
;MADFLKGLPVYNKSNFSRFHADSVCKASNRRPSVYLPTREYPSEQIIVTEKTNILLRYLHQQWDKKNAAKKRDQEQVELE
GESSAPPRKVARTDSPDMHEDT
;
D
#
# COMPACT_ATOMS: atom_id res chain seq x y z
N HIS A 38 -4.14 -6.30 21.14
CA HIS A 38 -4.78 -5.91 19.88
C HIS A 38 -3.75 -5.90 18.76
N VAL A 39 -2.51 -5.60 19.12
CA VAL A 39 -1.46 -5.44 18.11
C VAL A 39 -1.11 -6.77 17.47
N LEU A 40 -1.06 -7.83 18.28
CA LEU A 40 -0.60 -9.12 17.77
C LEU A 40 -1.53 -9.64 16.68
N LYS A 41 -2.85 -9.57 16.91
CA LYS A 41 -3.77 -10.00 15.87
C LYS A 41 -3.70 -9.09 14.65
N GLN A 42 -3.34 -7.82 14.85
CA GLN A 42 -3.14 -6.94 13.70
C GLN A 42 -1.97 -7.43 12.85
N LEU A 43 -0.85 -7.78 13.49
CA LEU A 43 0.28 -8.33 12.75
C LEU A 43 -0.10 -9.65 12.09
N GLU A 44 -0.91 -10.46 12.75
CA GLU A 44 -1.38 -11.69 12.13
C GLU A 44 -2.16 -11.38 10.85
N ARG A 45 -3.02 -10.36 10.91
CA ARG A 45 -3.76 -9.95 9.73
C ARG A 45 -2.82 -9.51 8.62
N VAL A 46 -1.75 -8.80 9.00
CA VAL A 46 -0.73 -8.37 7.99
C VAL A 46 -0.12 -9.63 7.38
N LYS A 47 0.28 -10.59 8.21
CA LYS A 47 0.96 -11.81 7.70
C LYS A 47 0.09 -12.48 6.63
N ILE A 48 -1.23 -12.43 6.80
CA ILE A 48 -2.15 -13.13 5.86
C ILE A 48 -2.56 -12.18 4.74
N SER A 49 -3.16 -11.04 5.08
CA SER A 49 -3.65 -10.10 4.04
C SER A 49 -2.49 -9.66 3.16
N GLY A 50 -1.35 -9.36 3.75
CA GLY A 50 -0.19 -8.85 2.97
C GLY A 50 -0.29 -7.35 2.78
N GLN A 51 -1.34 -6.73 3.33
CA GLN A 51 -1.52 -5.27 3.21
C GLN A 51 -1.22 -4.62 4.57
N LEU A 52 -0.16 -3.83 4.64
CA LEU A 52 0.20 -3.13 5.91
C LEU A 52 0.44 -1.65 5.59
N SER A 53 -0.29 -0.75 6.26
CA SER A 53 -0.12 0.70 6.04
C SER A 53 -0.02 1.41 7.39
N PRO A 54 0.75 2.51 7.53
CA PRO A 54 0.80 3.24 8.81
C PRO A 54 -0.56 3.74 9.25
N ARG A 55 -1.48 4.00 8.33
CA ARG A 55 -2.80 4.50 8.70
C ARG A 55 -3.51 3.53 9.63
N LEU A 56 -3.48 2.25 9.30
CA LEU A 56 -4.04 1.24 10.20
C LEU A 56 -3.06 0.80 11.28
N PHE A 57 -1.82 1.30 11.26
CA PHE A 57 -0.93 1.23 12.40
C PHE A 57 -0.84 2.56 13.13
N ARG A 58 -1.82 3.44 12.94
CA ARG A 58 -1.87 4.71 13.63
C ARG A 58 -2.70 4.67 14.90
N LYS A 59 -3.60 3.70 15.03
CA LYS A 59 -4.41 3.60 16.25
C LYS A 59 -3.56 3.24 17.45
N LEU A 60 -2.47 2.50 17.23
CA LEU A 60 -1.60 2.10 18.32
C LEU A 60 -0.88 3.34 18.87
N PRO A 61 -0.70 3.43 20.19
CA PRO A 61 0.05 4.55 20.76
C PRO A 61 1.52 4.43 20.43
N PRO A 62 2.26 5.54 20.42
CA PRO A 62 3.71 5.46 20.23
C PRO A 62 4.38 4.57 21.27
N ARG A 63 5.08 3.54 20.81
CA ARG A 63 5.67 2.58 21.73
C ARG A 63 6.73 3.24 22.61
N VAL A 64 7.54 4.13 22.05
CA VAL A 64 8.63 4.77 22.76
C VAL A 64 8.18 6.16 23.22
N CYS A 65 8.44 6.46 24.49
CA CYS A 65 8.10 7.76 25.06
C CYS A 65 9.19 8.10 26.08
N VAL A 66 10.13 8.97 25.68
CA VAL A 66 11.28 9.30 26.57
C VAL A 66 11.01 10.63 27.27
N SER A 67 11.41 10.75 28.54
CA SER A 67 11.17 11.99 29.32
C SER A 67 11.89 13.18 28.67
N LEU A 68 13.06 12.93 28.07
CA LEU A 68 13.86 14.04 27.46
C LEU A 68 14.20 15.05 28.55
N LYS A 69 14.28 14.60 29.81
CA LYS A 69 14.59 15.52 30.95
C LYS A 69 16.08 15.47 31.23
N ASN A 70 16.79 16.60 31.03
CA ASN A 70 18.25 16.67 31.26
C ASN A 70 18.99 15.92 30.15
N ILE A 71 18.28 15.08 29.38
CA ILE A 71 18.90 14.37 28.24
C ILE A 71 19.32 15.41 27.20
N VAL A 72 18.44 16.39 26.92
CA VAL A 72 18.80 17.49 25.99
C VAL A 72 19.79 18.43 26.70
N ASP A 73 20.87 18.81 26.00
CA ASP A 73 21.90 19.69 26.61
C ASP A 73 21.22 20.96 27.15
N GLU A 74 21.70 21.46 28.30
CA GLU A 74 21.12 22.69 28.91
C GLU A 74 19.59 22.54 28.94
N ASP A 75 19.11 21.39 29.45
CA ASP A 75 17.64 21.16 29.56
C ASP A 75 16.96 22.42 30.11
N ALA A 79 16.00 24.74 28.09
CA ALA A 79 16.45 26.09 28.37
C ALA A 79 17.42 26.55 27.29
N GLY A 80 18.67 26.11 27.39
CA GLY A 80 19.66 26.40 26.38
C GLY A 80 19.28 25.80 25.05
N HIS A 81 18.42 24.77 25.09
CA HIS A 81 17.96 24.09 23.85
C HIS A 81 16.48 23.73 23.96
N ILE A 82 15.64 24.31 23.10
CA ILE A 82 14.21 24.03 23.06
C ILE A 82 13.92 23.32 21.75
N PHE A 83 13.44 22.09 21.84
CA PHE A 83 13.13 21.29 20.67
C PHE A 83 11.71 21.60 20.19
N LEU A 84 11.52 21.61 18.88
CA LEU A 84 10.21 21.92 18.33
C LEU A 84 9.40 20.65 18.10
N GLY A 85 9.96 19.69 17.36
CA GLY A 85 9.24 18.47 17.05
C GLY A 85 10.08 17.57 16.19
N PHE A 86 9.58 16.35 15.98
CA PHE A 86 10.30 15.37 15.20
C PHE A 86 10.27 15.72 13.72
N SER A 87 11.38 15.44 13.04
CA SER A 87 11.46 15.71 11.61
C SER A 87 10.56 14.74 10.85
N LYS A 88 10.33 15.06 9.58
CA LYS A 88 9.50 14.20 8.74
C LYS A 88 10.12 12.82 8.58
N CYS A 89 11.43 12.77 8.29
CA CYS A 89 12.11 11.48 8.23
C CYS A 89 12.26 10.88 9.61
N GLY A 90 12.28 11.72 10.64
CA GLY A 90 12.35 11.25 12.01
C GLY A 90 13.75 11.03 12.54
N ARG A 91 14.76 11.09 11.67
CA ARG A 91 16.16 10.81 12.11
C ARG A 91 16.72 12.03 12.82
N TYR A 92 15.98 13.15 12.82
CA TYR A 92 16.51 14.41 13.42
C TYR A 92 15.53 14.98 14.43
N VAL A 93 16.03 15.60 15.51
CA VAL A 93 15.15 16.26 16.51
C VAL A 93 15.56 17.74 16.54
N LEU A 94 14.81 18.61 15.86
CA LEU A 94 15.21 20.01 15.77
C LEU A 94 15.07 20.71 17.11
N SER A 95 16.10 21.50 17.44
CA SER A 95 16.11 22.26 18.71
C SER A 95 16.88 23.56 18.48
N TYR A 96 16.46 24.64 19.12
CA TYR A 96 17.10 25.94 18.92
C TYR A 96 17.42 26.58 20.27
N THR A 97 18.42 27.45 20.26
CA THR A 97 18.79 28.16 21.47
C THR A 97 17.71 29.18 21.83
N SER A 98 17.51 29.37 23.13
CA SER A 98 16.52 30.33 23.60
C SER A 98 16.89 31.75 23.19
N SER A 99 18.17 32.10 23.29
CA SER A 99 18.62 33.44 22.94
C SER A 99 18.43 33.71 21.46
N PHE A 107 21.05 41.48 22.38
CA PHE A 107 20.48 40.82 21.21
C PHE A 107 20.29 39.33 21.44
N TYR A 108 19.83 38.64 20.39
CA TYR A 108 19.59 37.22 20.42
C TYR A 108 20.28 36.57 19.23
N ILE A 109 20.55 35.27 19.34
CA ILE A 109 21.27 34.55 18.30
C ILE A 109 20.41 33.48 17.63
N TYR A 110 19.54 32.82 18.40
CA TYR A 110 18.65 31.77 17.88
C TYR A 110 19.42 30.70 17.12
N HIS A 111 20.44 30.14 17.76
CA HIS A 111 21.17 29.02 17.18
C HIS A 111 20.32 27.77 17.09
N LEU A 112 20.02 27.35 15.86
CA LEU A 112 19.34 26.08 15.61
C LEU A 112 20.33 24.93 15.71
N TYR A 113 19.87 23.82 16.30
CA TYR A 113 20.74 22.63 16.46
C TYR A 113 19.92 21.37 16.18
N TRP A 114 20.27 20.62 15.13
CA TRP A 114 19.57 19.34 14.82
C TRP A 114 20.16 18.24 15.69
N TRP A 115 19.32 17.34 16.22
CA TRP A 115 19.80 16.26 17.13
C TRP A 115 19.44 14.89 16.54
N GLU A 116 20.41 13.96 16.51
CA GLU A 116 20.12 12.58 16.04
C GLU A 116 19.15 11.93 17.01
N PHE A 117 18.27 11.05 16.50
CA PHE A 117 17.24 10.43 17.38
C PHE A 117 17.46 8.93 17.49
N ASN A 118 17.68 8.43 18.71
CA ASN A 118 17.84 6.99 18.91
C ASN A 118 16.67 6.49 19.74
N VAL A 119 16.41 5.19 19.64
CA VAL A 119 15.27 4.59 20.33
C VAL A 119 15.36 4.85 21.82
N HIS A 120 16.52 4.58 22.41
CA HIS A 120 16.77 4.85 23.83
C HIS A 120 18.26 5.14 23.99
N SER A 121 18.61 6.42 23.91
CA SER A 121 19.98 6.87 24.11
C SER A 121 20.00 8.39 24.14
N LYS A 122 21.16 8.93 24.47
CA LYS A 122 21.33 10.37 24.44
C LYS A 122 21.25 10.88 23.00
N LEU A 123 20.48 11.95 22.80
CA LEU A 123 20.36 12.55 21.44
C LEU A 123 21.69 13.19 21.07
N LYS A 124 22.12 13.06 19.80
CA LYS A 124 23.44 13.58 19.39
C LYS A 124 23.26 14.79 18.47
N LEU A 125 23.63 15.98 18.94
CA LEU A 125 23.55 17.19 18.09
C LEU A 125 24.32 16.91 16.79
N VAL A 126 23.66 17.07 15.64
CA VAL A 126 24.31 16.74 14.33
C VAL A 126 24.47 18.00 13.48
N ARG A 127 23.66 19.03 13.75
CA ARG A 127 23.73 20.29 12.97
C ARG A 127 23.66 21.49 13.94
N GLN A 128 24.16 22.65 13.51
CA GLN A 128 24.16 23.86 14.37
C GLN A 128 24.28 25.12 13.50
N VAL A 129 23.24 25.95 13.45
CA VAL A 129 23.30 27.22 12.68
C VAL A 129 22.61 28.32 13.50
N ARG A 130 22.90 29.59 13.21
CA ARG A 130 22.32 30.72 14.00
C ARG A 130 21.07 31.26 13.30
N LEU A 131 20.58 30.55 12.28
CA LEU A 131 19.36 30.98 11.56
C LEU A 131 19.50 32.44 11.10
N PHE A 132 18.68 33.34 11.66
CA PHE A 132 18.71 34.75 11.22
C PHE A 132 19.99 35.43 11.72
N GLN A 133 21.09 35.26 10.99
CA GLN A 133 22.40 35.81 11.42
C GLN A 133 22.44 37.32 11.14
N ASP A 134 22.38 37.72 9.87
CA ASP A 134 22.39 39.16 9.52
C ASP A 134 21.03 39.75 9.90
N GLU A 135 20.59 39.50 11.14
CA GLU A 135 19.30 40.00 11.59
C GLU A 135 19.41 40.36 13.07
N GLU A 136 19.54 41.66 13.35
CA GLU A 136 19.48 42.12 14.73
C GLU A 136 18.10 41.87 15.31
N ILE A 137 18.06 41.40 16.55
CA ILE A 137 16.82 40.99 17.19
C ILE A 137 16.66 41.75 18.49
N TYR A 138 15.48 42.33 18.69
CA TYR A 138 15.15 43.00 19.94
C TYR A 138 13.80 42.57 20.48
N SER A 139 13.38 41.33 20.20
CA SER A 139 12.09 40.83 20.66
C SER A 139 12.14 39.32 20.73
N ASP A 140 11.17 38.74 21.43
CA ASP A 140 11.04 37.30 21.52
C ASP A 140 10.18 36.80 20.37
N LEU A 141 10.69 35.83 19.62
CA LEU A 141 10.03 35.34 18.41
C LEU A 141 9.51 33.93 18.66
N TYR A 142 8.25 33.68 18.29
CA TYR A 142 7.71 32.30 18.38
C TYR A 142 8.24 31.52 17.18
N LEU A 143 9.36 30.81 17.34
CA LEU A 143 10.00 30.12 16.19
C LEU A 143 9.03 29.12 15.56
N THR A 144 9.07 28.98 14.23
CA THR A 144 8.22 27.99 13.53
C THR A 144 8.99 27.45 12.32
N VAL A 145 9.27 26.15 12.28
CA VAL A 145 10.09 25.59 11.16
C VAL A 145 9.22 24.59 10.37
N CYS A 146 9.40 24.54 9.06
CA CYS A 146 8.65 23.60 8.24
C CYS A 146 9.57 23.01 7.18
N GLU A 147 9.12 21.93 6.56
CA GLU A 147 9.86 21.31 5.46
C GLU A 147 8.94 21.18 4.26
N TRP A 148 9.53 21.14 3.07
CA TRP A 148 8.76 20.98 1.85
C TRP A 148 8.09 19.61 1.85
N PRO A 149 6.99 19.43 1.12
CA PRO A 149 6.32 18.12 1.13
C PRO A 149 7.23 16.98 0.68
N SER A 150 8.04 17.18 -0.34
CA SER A 150 8.95 16.13 -0.80
C SER A 150 10.40 16.58 -0.93
N ASP A 151 10.65 17.86 -1.17
CA ASP A 151 12.02 18.38 -1.21
C ASP A 151 12.53 18.49 0.23
N ALA A 152 13.04 17.37 0.73
CA ALA A 152 13.50 17.30 2.11
C ALA A 152 14.94 17.74 2.29
N SER A 153 15.61 18.15 1.21
CA SER A 153 17.01 18.56 1.28
C SER A 153 17.20 19.77 2.19
N LYS A 154 16.21 20.65 2.23
CA LYS A 154 16.31 21.86 3.03
C LYS A 154 14.98 22.12 3.72
N VAL A 155 15.06 22.84 4.85
CA VAL A 155 13.83 23.19 5.61
C VAL A 155 13.77 24.72 5.73
N ILE A 156 12.59 25.27 5.98
CA ILE A 156 12.43 26.75 6.09
C ILE A 156 11.87 27.07 7.49
N VAL A 157 12.49 28.03 8.18
CA VAL A 157 12.03 28.40 9.55
C VAL A 157 11.47 29.82 9.52
N PHE A 158 10.31 30.03 10.13
CA PHE A 158 9.67 31.36 10.16
C PHE A 158 9.55 31.82 11.62
N GLY A 159 10.20 32.95 11.96
CA GLY A 159 10.09 33.49 13.32
C GLY A 159 9.09 34.62 13.39
N PHE A 160 8.01 34.46 14.17
CA PHE A 160 7.04 35.57 14.34
C PHE A 160 6.95 35.98 15.81
N ASN A 161 6.80 37.28 16.07
CA ASN A 161 6.73 37.80 17.42
C ASN A 161 5.33 38.34 17.69
N THR A 162 5.17 38.98 18.85
CA THR A 162 3.93 39.66 19.18
C THR A 162 3.64 40.76 18.18
N GLU A 178 2.95 45.93 17.40
CA GLU A 178 1.98 47.00 17.19
C GLU A 178 1.35 46.89 15.82
N ASN A 179 1.38 47.99 15.05
CA ASN A 179 0.85 47.96 13.70
C ASN A 179 1.79 47.25 12.74
N HIS A 180 3.08 47.22 13.05
CA HIS A 180 4.06 46.50 12.26
C HIS A 180 4.63 45.34 13.06
N ARG A 181 4.62 44.16 12.47
CA ARG A 181 5.11 42.96 13.12
C ARG A 181 6.35 42.45 12.38
N ASP A 182 7.33 41.99 13.15
CA ASP A 182 8.57 41.53 12.56
C ASP A 182 8.46 40.07 12.18
N ILE A 183 8.79 39.76 10.92
CA ILE A 183 8.77 38.39 10.43
C ILE A 183 10.14 38.07 9.86
N TYR A 184 10.72 36.95 10.28
CA TYR A 184 12.07 36.55 9.79
C TYR A 184 12.00 35.15 9.21
N VAL A 185 12.58 34.95 8.03
CA VAL A 185 12.55 33.61 7.36
C VAL A 185 13.96 33.23 6.92
N SER A 186 14.32 31.95 7.05
CA SER A 186 15.66 31.49 6.61
C SER A 186 15.60 29.99 6.29
N THR A 187 16.24 29.58 5.19
CA THR A 187 16.23 28.14 4.80
C THR A 187 17.62 27.52 5.08
N VAL A 188 17.64 26.29 5.59
CA VAL A 188 18.94 25.61 5.89
C VAL A 188 18.88 24.18 5.35
N ALA A 189 19.98 23.73 4.73
CA ALA A 189 20.02 22.36 4.17
C ALA A 189 20.27 21.35 5.29
N VAL A 190 19.36 20.38 5.44
CA VAL A 190 19.54 19.32 6.46
C VAL A 190 20.80 18.51 6.10
N PRO A 191 21.66 18.14 7.08
CA PRO A 191 22.85 17.34 6.80
C PRO A 191 22.52 16.13 5.92
N PRO A 192 23.17 15.95 4.74
CA PRO A 192 22.93 14.79 3.89
C PRO A 192 23.39 13.48 4.56
N PRO A 193 22.53 12.45 4.65
CA PRO A 193 22.89 11.22 5.36
C PRO A 193 23.90 10.39 4.55
N ASP A 209 39.88 21.15 6.70
CA ASP A 209 38.82 21.21 5.70
C ASP A 209 37.92 19.98 5.71
N PRO A 210 36.62 20.20 5.48
CA PRO A 210 35.69 19.06 5.38
C PRO A 210 36.02 18.11 4.25
N ASN A 211 36.55 18.65 3.14
CA ASN A 211 36.84 17.83 1.93
C ASN A 211 35.65 16.89 1.69
N ALA A 212 34.43 17.38 1.93
CA ALA A 212 33.22 16.58 1.65
C ALA A 212 32.21 17.44 0.89
N GLN A 213 31.95 17.11 -0.38
CA GLN A 213 31.02 17.92 -1.21
C GLN A 213 29.63 17.90 -0.59
N CYS A 214 29.25 16.79 0.05
CA CYS A 214 27.91 16.66 0.66
C CYS A 214 27.72 17.79 1.69
N LEU A 215 28.72 18.02 2.54
CA LEU A 215 28.63 19.10 3.57
C LEU A 215 28.58 20.46 2.88
N ARG A 216 29.33 20.61 1.78
CA ARG A 216 29.38 21.90 1.04
C ARG A 216 27.96 22.33 0.67
N HIS A 217 27.03 21.37 0.59
CA HIS A 217 25.63 21.69 0.24
C HIS A 217 25.04 22.63 1.29
N GLY A 218 25.29 22.34 2.57
CA GLY A 218 24.77 23.19 3.67
C GLY A 218 24.78 24.66 3.31
N PHE A 219 23.60 25.29 3.23
CA PHE A 219 23.51 26.72 2.85
C PHE A 219 22.62 27.47 3.85
N MET A 220 22.59 28.81 3.73
CA MET A 220 21.73 29.64 4.61
C MET A 220 21.15 30.79 3.79
N LEU A 221 19.85 31.09 3.97
CA LEU A 221 19.20 32.20 3.21
C LEU A 221 18.32 33.00 4.16
N HIS A 222 18.93 33.79 5.06
CA HIS A 222 18.15 34.63 6.01
C HIS A 222 17.46 35.76 5.23
N THR A 223 16.22 36.08 5.60
CA THR A 223 15.47 37.19 4.94
C THR A 223 14.57 37.85 5.98
N LYS A 224 14.31 39.16 5.85
CA LYS A 224 13.53 39.86 6.90
C LYS A 224 12.65 40.96 6.27
N TYR A 225 11.39 41.04 6.69
CA TYR A 225 10.50 42.10 6.26
C TYR A 225 9.42 42.31 7.33
N GLN A 226 8.51 43.23 7.06
CA GLN A 226 7.43 43.57 7.98
C GLN A 226 6.12 43.68 7.21
N VAL A 227 5.03 43.81 7.96
CA VAL A 227 3.68 43.86 7.40
C VAL A 227 2.87 44.93 8.13
N VAL A 228 1.78 45.36 7.49
CA VAL A 228 0.91 46.41 8.03
C VAL A 228 0.00 45.72 9.06
N TYR A 229 -0.73 46.51 9.85
CA TYR A 229 -1.63 46.05 10.92
C TYR A 229 -2.56 44.91 10.50
N PRO A 230 -3.20 44.96 9.33
CA PRO A 230 -3.94 43.78 8.87
C PRO A 230 -2.98 42.65 8.51
N PHE A 231 -2.37 42.05 9.53
CA PHE A 231 -1.32 41.02 9.29
C PHE A 231 -1.85 39.89 8.40
N PRO A 232 -1.16 39.50 7.29
CA PRO A 232 -1.61 38.38 6.45
C PRO A 232 -1.68 37.05 7.20
N THR A 233 -2.57 36.16 6.77
CA THR A 233 -2.71 34.82 7.42
C THR A 233 -1.42 34.02 7.19
N PHE A 234 -0.97 33.28 8.21
CA PHE A 234 0.30 32.50 8.10
C PHE A 234 0.13 31.43 7.03
N GLN A 235 -0.97 30.66 7.07
CA GLN A 235 -1.23 29.60 6.07
C GLN A 235 0.09 28.95 5.65
N PRO A 236 0.81 28.24 6.56
CA PRO A 236 2.15 27.71 6.24
C PRO A 236 2.11 26.62 5.14
N ALA A 237 1.12 25.73 5.18
CA ALA A 237 1.08 24.62 4.20
C ALA A 237 1.02 25.17 2.78
N PHE A 238 0.03 26.02 2.49
CA PHE A 238 -0.10 26.61 1.14
C PHE A 238 1.19 27.39 0.82
N GLN A 239 1.68 28.17 1.78
CA GLN A 239 2.87 29.01 1.53
C GLN A 239 4.03 28.15 1.00
N LEU A 240 3.99 26.83 1.25
CA LEU A 240 5.12 25.97 0.83
C LEU A 240 4.61 24.75 0.04
N LYS A 241 3.34 24.78 -0.39
CA LYS A 241 2.78 23.63 -1.10
C LYS A 241 3.66 23.22 -2.27
N LYS A 242 4.21 24.18 -2.99
CA LYS A 242 5.04 23.90 -4.14
C LYS A 242 6.45 23.54 -3.70
N ASP A 243 6.99 22.47 -4.29
CA ASP A 243 8.36 22.08 -4.00
C ASP A 243 9.34 23.09 -4.55
N GLN A 244 10.50 23.17 -3.89
CA GLN A 244 11.61 24.04 -4.28
C GLN A 244 11.28 25.51 -4.16
N VAL A 245 10.05 25.87 -3.78
CA VAL A 245 9.61 27.25 -3.78
C VAL A 245 8.92 27.53 -2.46
N VAL A 246 9.04 28.79 -2.01
CA VAL A 246 8.36 29.25 -0.77
C VAL A 246 7.68 30.59 -1.08
N LEU A 247 6.38 30.70 -0.80
CA LEU A 247 5.60 31.90 -1.06
C LEU A 247 5.59 32.72 0.22
N LEU A 248 6.01 33.98 0.11
CA LEU A 248 5.96 34.91 1.24
C LEU A 248 5.02 36.05 0.87
N ASN A 249 4.03 36.30 1.71
CA ASN A 249 3.00 37.30 1.43
C ASN A 249 3.28 38.54 2.28
N THR A 250 4.08 39.44 1.72
CA THR A 250 4.28 40.73 2.36
C THR A 250 3.01 41.55 2.24
N SER A 251 2.94 42.62 3.04
CA SER A 251 1.73 43.42 3.10
C SER A 251 1.39 44.08 1.76
N TYR A 252 2.38 44.33 0.91
CA TYR A 252 2.16 45.03 -0.35
C TYR A 252 2.48 44.20 -1.57
N SER A 253 3.07 43.02 -1.40
CA SER A 253 3.30 42.10 -2.50
C SER A 253 3.50 40.72 -1.91
N LEU A 254 3.36 39.70 -2.74
CA LEU A 254 3.62 38.33 -2.32
C LEU A 254 4.73 37.78 -3.23
N VAL A 255 5.78 37.25 -2.62
CA VAL A 255 6.99 36.86 -3.33
C VAL A 255 7.11 35.35 -3.33
N ALA A 256 7.46 34.80 -4.49
CA ALA A 256 7.67 33.36 -4.67
C ALA A 256 9.16 33.11 -4.80
N CYS A 257 9.83 32.99 -3.65
CA CYS A 257 11.26 32.68 -3.66
C CYS A 257 11.47 31.20 -3.90
N ALA A 258 12.37 30.89 -4.84
CA ALA A 258 12.68 29.47 -5.17
C ALA A 258 14.17 29.22 -5.02
N VAL A 259 14.61 28.78 -3.83
CA VAL A 259 16.07 28.54 -3.58
C VAL A 259 16.45 27.19 -4.18
N SER A 260 16.73 27.15 -5.49
CA SER A 260 17.10 25.89 -6.17
C SER A 260 18.62 25.76 -6.22
N VAL A 261 19.17 24.68 -5.67
CA VAL A 261 20.65 24.44 -5.69
C VAL A 261 20.93 23.30 -6.68
N HIS A 262 21.95 23.46 -7.52
CA HIS A 262 22.26 22.42 -8.55
C HIS A 262 23.73 22.03 -8.42
N SER A 268 16.17 23.28 -15.89
CA SER A 268 17.31 24.06 -15.44
C SER A 268 16.87 25.32 -14.70
N PHE A 269 15.79 25.93 -15.18
CA PHE A 269 15.23 27.12 -14.57
C PHE A 269 13.75 26.88 -14.25
N CYS A 270 13.27 27.56 -13.22
CA CYS A 270 11.90 27.46 -12.79
C CYS A 270 11.34 28.85 -12.55
N GLN A 271 10.03 28.92 -12.28
CA GLN A 271 9.29 30.17 -12.10
C GLN A 271 9.39 31.10 -13.30
N ILE A 272 9.54 30.56 -14.51
CA ILE A 272 9.62 31.38 -15.72
C ILE A 272 9.41 30.49 -16.93
N LEU A 273 8.74 31.02 -17.94
CA LEU A 273 8.56 30.33 -19.21
C LEU A 273 8.75 31.30 -20.37
N VAL A 421 12.93 41.95 -2.98
CA VAL A 421 13.17 41.29 -1.71
C VAL A 421 14.68 41.22 -1.44
N VAL A 422 15.06 41.33 -0.18
CA VAL A 422 16.47 41.31 0.22
C VAL A 422 16.73 39.97 0.92
N THR A 423 17.35 39.05 0.20
CA THR A 423 17.65 37.72 0.72
C THR A 423 19.16 37.54 0.75
N ASP A 424 19.78 37.96 1.85
CA ASP A 424 21.21 37.72 2.04
C ASP A 424 21.44 36.24 2.25
N LEU A 425 22.44 35.70 1.57
CA LEU A 425 22.74 34.27 1.65
C LEU A 425 24.01 34.05 2.48
N ARG A 426 24.08 32.88 3.11
CA ARG A 426 25.27 32.49 3.86
C ARG A 426 25.48 30.99 3.77
N GLY A 427 26.33 30.46 4.63
CA GLY A 427 26.67 29.05 4.60
C GLY A 427 28.09 28.83 5.08
N ARG A 428 28.27 27.90 6.00
CA ARG A 428 29.53 27.73 6.73
C ARG A 428 29.95 29.01 7.44
N ASN A 429 28.99 29.80 7.92
CA ASN A 429 29.18 31.05 8.65
C ASN A 429 29.78 32.15 7.80
N LEU A 430 29.73 32.04 6.47
CA LEU A 430 30.25 33.04 5.57
C LEU A 430 29.24 33.29 4.46
N ARG A 431 29.35 34.46 3.81
CA ARG A 431 28.39 34.86 2.78
C ARG A 431 29.02 34.68 1.41
N PRO A 432 28.61 33.69 0.62
CA PRO A 432 29.15 33.56 -0.74
C PRO A 432 28.36 34.38 -1.75
N MET A 433 28.71 34.26 -3.03
CA MET A 433 27.92 34.88 -4.09
C MET A 433 26.60 34.12 -4.26
N ARG A 434 25.54 34.84 -4.59
CA ARG A 434 24.22 34.24 -4.74
C ARG A 434 24.16 33.28 -5.93
N GLN A 442 28.98 23.03 -7.65
CA GLN A 442 27.65 23.15 -6.98
C GLN A 442 27.27 24.62 -6.84
N TYR A 443 26.10 25.01 -7.36
CA TYR A 443 25.64 26.42 -7.28
C TYR A 443 24.17 26.47 -6.90
N LEU A 444 23.76 27.48 -6.15
CA LEU A 444 22.33 27.64 -5.77
C LEU A 444 21.78 28.92 -6.40
N THR A 445 20.60 28.84 -7.01
CA THR A 445 19.96 30.03 -7.63
C THR A 445 18.62 30.29 -6.97
N VAL A 446 18.40 31.51 -6.46
CA VAL A 446 17.07 31.85 -5.86
C VAL A 446 16.23 32.56 -6.93
N GLU A 447 15.22 31.87 -7.45
CA GLU A 447 14.32 32.47 -8.47
C GLU A 447 13.18 33.20 -7.75
N GLN A 448 13.14 34.53 -7.82
CA GLN A 448 12.11 35.27 -7.10
C GLN A 448 11.09 35.80 -8.08
N LEU A 449 9.82 35.51 -7.83
CA LEU A 449 8.72 36.03 -8.63
C LEU A 449 7.74 36.75 -7.71
N THR A 450 7.42 37.99 -8.03
CA THR A 450 6.52 38.81 -7.22
C THR A 450 5.45 39.45 -8.11
N LEU A 451 4.25 39.61 -7.56
CA LEU A 451 3.25 40.53 -8.09
C LEU A 451 3.04 41.65 -7.08
N ASP A 452 3.21 42.89 -7.55
CA ASP A 452 2.77 44.04 -6.78
C ASP A 452 1.25 44.02 -6.70
N PHE A 453 0.71 43.91 -5.48
CA PHE A 453 -0.73 43.79 -5.34
C PHE A 453 -1.46 44.98 -5.93
N GLU A 454 -1.00 46.20 -5.62
CA GLU A 454 -1.73 47.39 -6.05
C GLU A 454 -1.86 47.45 -7.56
N TYR A 455 -0.80 47.05 -8.28
CA TYR A 455 -0.84 47.11 -9.73
C TYR A 455 -1.86 46.11 -10.29
N VAL A 456 -1.86 44.89 -9.77
CA VAL A 456 -2.78 43.87 -10.28
C VAL A 456 -4.22 44.23 -9.93
N ILE A 457 -4.43 44.87 -8.78
CA ILE A 457 -5.77 45.31 -8.42
C ILE A 457 -6.22 46.45 -9.32
N ASN A 458 -5.30 47.34 -9.68
CA ASN A 458 -5.65 48.38 -10.65
C ASN A 458 -6.05 47.76 -11.98
N GLU A 459 -5.29 46.74 -12.42
CA GLU A 459 -5.62 46.07 -13.66
C GLU A 459 -7.00 45.41 -13.59
N VAL A 460 -7.28 44.73 -12.48
CA VAL A 460 -8.55 44.00 -12.35
C VAL A 460 -9.71 44.98 -12.26
N ILE A 461 -9.50 46.11 -11.59
CA ILE A 461 -10.59 47.07 -11.43
C ILE A 461 -10.83 47.80 -12.74
N ARG A 462 -9.77 47.90 -13.57
CA ARG A 462 -9.92 48.54 -14.87
C ARG A 462 -10.64 47.64 -15.86
N HIS A 463 -10.29 46.36 -15.90
CA HIS A 463 -10.73 45.50 -16.99
C HIS A 463 -11.79 44.47 -16.63
N ASP A 464 -11.97 44.16 -15.35
CA ASP A 464 -12.80 43.00 -15.01
C ASP A 464 -13.71 43.24 -13.81
N ALA A 465 -14.37 44.39 -13.75
CA ALA A 465 -15.30 44.66 -12.66
C ALA A 465 -16.47 45.45 -13.23
N THR A 466 -17.67 44.86 -13.20
CA THR A 466 -18.84 45.53 -13.72
C THR A 466 -19.12 46.82 -12.95
N TRP A 467 -18.97 46.78 -11.63
CA TRP A 467 -19.02 48.01 -10.86
C TRP A 467 -17.68 48.72 -10.80
N GLY A 468 -16.69 48.24 -11.57
CA GLY A 468 -15.41 48.90 -11.61
C GLY A 468 -15.42 50.19 -12.39
N HIS A 469 -16.39 50.36 -13.30
CA HIS A 469 -16.53 51.62 -14.01
C HIS A 469 -16.97 52.74 -13.09
N GLN A 470 -17.50 52.42 -11.91
CA GLN A 470 -17.88 53.41 -10.91
C GLN A 470 -17.00 53.34 -9.67
N PHE A 471 -15.89 52.61 -9.72
CA PHE A 471 -15.00 52.47 -8.59
C PHE A 471 -14.29 53.79 -8.30
N CYS A 472 -14.27 54.16 -7.02
CA CYS A 472 -13.64 55.43 -6.64
C CYS A 472 -12.25 55.23 -6.04
N SER A 473 -12.16 54.49 -4.94
CA SER A 473 -10.90 54.37 -4.22
C SER A 473 -10.89 53.08 -3.40
N PHE A 474 -9.68 52.55 -3.20
CA PHE A 474 -9.46 51.40 -2.33
C PHE A 474 -8.31 51.75 -1.39
N SER A 475 -8.48 51.42 -0.11
CA SER A 475 -7.48 51.80 0.88
C SER A 475 -6.58 50.63 1.28
N ASP A 476 -7.18 49.54 1.78
CA ASP A 476 -6.41 48.43 2.30
C ASP A 476 -6.96 47.13 1.78
N TYR A 477 -6.09 46.13 1.70
CA TYR A 477 -6.46 44.82 1.18
C TYR A 477 -5.79 43.74 2.01
N ASP A 478 -6.46 42.58 2.09
CA ASP A 478 -5.91 41.40 2.71
C ASP A 478 -5.82 40.31 1.66
N ILE A 479 -4.70 39.62 1.59
CA ILE A 479 -4.45 38.58 0.60
C ILE A 479 -4.38 37.25 1.33
N VAL A 480 -5.21 36.31 0.91
CA VAL A 480 -5.25 34.97 1.48
C VAL A 480 -5.11 33.97 0.34
N ILE A 481 -4.22 32.99 0.52
CA ILE A 481 -3.94 31.99 -0.51
C ILE A 481 -4.94 30.86 -0.31
N LEU A 482 -5.85 30.68 -1.28
CA LEU A 482 -6.83 29.61 -1.16
C LEU A 482 -6.20 28.25 -1.37
N GLU A 483 -5.39 28.10 -2.43
CA GLU A 483 -4.88 26.80 -2.80
C GLU A 483 -3.71 26.97 -3.75
N VAL A 484 -2.78 26.02 -3.70
CA VAL A 484 -1.62 26.03 -4.57
C VAL A 484 -1.52 24.71 -5.33
N CYS A 485 -1.67 24.76 -6.65
CA CYS A 485 -1.48 23.55 -7.45
C CYS A 485 -0.07 23.55 -8.04
N PRO A 486 0.81 22.64 -7.60
CA PRO A 486 2.13 22.56 -8.25
C PRO A 486 2.13 21.89 -9.61
N GLU A 487 1.15 21.02 -9.90
CA GLU A 487 1.12 20.43 -11.25
C GLU A 487 1.05 21.50 -12.32
N THR A 488 0.10 22.41 -12.22
CA THR A 488 -0.01 23.48 -13.20
C THR A 488 0.58 24.79 -12.71
N ASN A 489 1.23 24.78 -11.53
CA ASN A 489 1.94 25.96 -11.03
C ASN A 489 1.00 27.16 -10.92
N GLN A 490 -0.21 26.93 -10.42
CA GLN A 490 -1.15 28.01 -10.20
C GLN A 490 -1.39 28.15 -8.71
N VAL A 491 -1.44 29.38 -8.23
CA VAL A 491 -1.87 29.66 -6.86
C VAL A 491 -3.10 30.55 -6.93
N LEU A 492 -4.14 30.15 -6.21
CA LEU A 492 -5.37 30.94 -6.16
C LEU A 492 -5.32 31.82 -4.92
N ILE A 493 -5.32 33.13 -5.13
CA ILE A 493 -5.18 34.09 -4.04
C ILE A 493 -6.43 34.96 -4.00
N ASN A 494 -6.94 35.18 -2.80
CA ASN A 494 -8.11 36.03 -2.63
C ASN A 494 -7.69 37.39 -2.07
N ILE A 495 -8.46 38.41 -2.45
CA ILE A 495 -8.27 39.76 -1.92
C ILE A 495 -9.59 40.25 -1.36
N GLY A 496 -9.59 40.60 -0.08
CA GLY A 496 -10.74 41.23 0.54
C GLY A 496 -10.64 42.73 0.49
N LEU A 497 -10.65 43.29 -0.71
CA LEU A 497 -10.47 44.73 -0.88
C LEU A 497 -11.49 45.52 -0.09
N LEU A 498 -11.02 46.60 0.52
CA LEU A 498 -11.90 47.56 1.16
C LEU A 498 -11.80 48.93 0.48
N PRO A 513 -19.99 56.71 -1.90
CA PRO A 513 -18.65 57.23 -2.14
C PRO A 513 -17.62 56.61 -1.20
N LYS A 514 -18.07 55.66 -0.39
CA LYS A 514 -17.22 54.99 0.59
C LYS A 514 -16.79 53.63 0.06
N THR A 515 -15.65 53.16 0.58
CA THR A 515 -15.18 51.83 0.22
C THR A 515 -16.10 50.77 0.80
N TYR A 516 -16.40 49.74 0.03
CA TYR A 516 -17.32 48.69 0.41
C TYR A 516 -16.61 47.34 0.38
N HIS A 517 -16.99 46.44 1.28
CA HIS A 517 -16.31 45.17 1.40
C HIS A 517 -16.59 44.28 0.18
N THR A 518 -15.51 43.74 -0.39
CA THR A 518 -15.61 42.79 -1.50
C THR A 518 -14.67 41.62 -1.20
N SER A 519 -14.66 40.65 -2.11
CA SER A 519 -13.73 39.53 -2.02
C SER A 519 -13.37 39.03 -3.41
N LEU A 520 -12.28 39.54 -3.96
CA LEU A 520 -11.99 39.33 -5.37
C LEU A 520 -10.94 38.23 -5.56
N LYS A 521 -11.27 37.24 -6.37
CA LYS A 521 -10.44 36.06 -6.57
C LYS A 521 -9.43 36.28 -7.70
N VAL A 522 -8.23 35.75 -7.50
CA VAL A 522 -7.12 35.93 -8.44
C VAL A 522 -6.38 34.61 -8.59
N ALA A 523 -5.96 34.32 -9.82
CA ALA A 523 -5.11 33.18 -10.12
C ALA A 523 -3.80 33.68 -10.71
N TRP A 524 -2.68 33.18 -10.16
CA TRP A 524 -1.33 33.55 -10.67
C TRP A 524 -0.68 32.32 -11.30
N ASP A 525 -0.31 32.39 -12.58
CA ASP A 525 0.40 31.26 -13.23
C ASP A 525 1.90 31.40 -12.96
N LEU A 526 2.44 30.60 -12.03
CA LEU A 526 3.89 30.67 -11.70
C LEU A 526 4.70 30.28 -12.94
N ASN A 527 4.14 29.43 -13.80
CA ASN A 527 4.84 29.03 -15.04
C ASN A 527 5.34 30.29 -15.75
N THR A 528 4.47 31.29 -15.91
CA THR A 528 4.87 32.56 -16.56
C THR A 528 3.97 33.70 -16.05
N PHE A 531 0.31 37.64 -16.93
CA PHE A 531 -0.03 36.24 -16.68
C PHE A 531 -0.85 36.12 -15.41
N GLU A 532 -1.86 36.99 -15.31
CA GLU A 532 -2.81 36.97 -14.21
C GLU A 532 -4.22 36.94 -14.79
N THR A 533 -4.98 35.92 -14.42
CA THR A 533 -6.34 35.74 -14.91
C THR A 533 -7.31 35.83 -13.73
N VAL A 534 -8.38 36.58 -13.91
CA VAL A 534 -9.36 36.80 -12.84
C VAL A 534 -10.31 35.61 -12.85
N SER A 535 -10.39 34.90 -11.73
CA SER A 535 -11.25 33.74 -11.67
C SER A 535 -12.69 34.13 -11.38
N VAL A 536 -12.91 34.87 -10.29
CA VAL A 536 -14.26 35.26 -9.87
C VAL A 536 -14.20 36.62 -9.21
N GLY A 537 -15.16 37.48 -9.53
CA GLY A 537 -15.28 38.79 -8.94
C GLY A 537 -15.98 38.75 -7.60
N ASP A 538 -16.65 39.86 -7.26
CA ASP A 538 -17.36 39.94 -6.00
C ASP A 538 -18.35 41.10 -6.05
N LEU A 539 -18.93 41.42 -4.89
CA LEU A 539 -19.94 42.45 -4.77
C LEU A 539 -19.87 43.06 -3.38
N THR A 540 -20.51 44.21 -3.23
CA THR A 540 -20.54 44.91 -1.94
C THR A 540 -21.22 44.08 -0.85
N SER A 547 -13.20 48.01 11.28
CA SER A 547 -12.44 47.63 10.10
C SER A 547 -11.83 46.24 10.28
N GLY A 548 -11.33 45.95 11.47
CA GLY A 548 -10.79 44.63 11.73
C GLY A 548 -11.84 43.55 11.64
N SER A 549 -13.08 43.88 12.01
CA SER A 549 -14.15 42.89 12.00
C SER A 549 -14.43 42.36 10.60
N VAL A 550 -14.47 43.25 9.60
CA VAL A 550 -14.71 42.80 8.24
C VAL A 550 -13.54 41.99 7.73
N TRP A 551 -12.31 42.37 8.11
CA TRP A 551 -11.15 41.54 7.80
C TRP A 551 -11.32 40.14 8.34
N SER A 552 -11.71 40.03 9.61
CA SER A 552 -11.88 38.73 10.24
C SER A 552 -12.97 37.92 9.55
N SER A 553 -14.09 38.56 9.21
CA SER A 553 -15.17 37.87 8.52
C SER A 553 -14.72 37.37 7.16
N TYR A 554 -13.94 38.20 6.44
CA TYR A 554 -13.42 37.79 5.15
C TYR A 554 -12.51 36.57 5.28
N ARG A 555 -11.60 36.60 6.26
CA ARG A 555 -10.72 35.46 6.48
C ARG A 555 -11.52 34.22 6.86
N LYS A 556 -12.59 34.42 7.63
CA LYS A 556 -13.48 33.32 7.98
C LYS A 556 -14.08 32.72 6.71
N SER A 557 -14.49 33.58 5.77
CA SER A 557 -15.01 33.08 4.51
C SER A 557 -13.97 32.27 3.76
N CYS A 558 -12.73 32.76 3.72
CA CYS A 558 -11.68 32.01 3.03
C CYS A 558 -11.47 30.64 3.66
N VAL A 559 -11.45 30.57 5.00
CA VAL A 559 -11.21 29.28 5.63
C VAL A 559 -12.39 28.34 5.41
N ASP A 560 -13.61 28.89 5.38
CA ASP A 560 -14.75 28.05 5.03
C ASP A 560 -14.58 27.47 3.64
N MET A 561 -14.13 28.29 2.69
CA MET A 561 -13.94 27.79 1.33
C MET A 561 -12.87 26.71 1.27
N VAL A 562 -11.76 26.92 1.98
CA VAL A 562 -10.71 25.91 1.97
C VAL A 562 -11.21 24.60 2.57
N MET A 563 -11.93 24.69 3.69
CA MET A 563 -12.48 23.49 4.29
C MET A 563 -13.45 22.80 3.35
N LYS A 564 -14.29 23.60 2.67
CA LYS A 564 -15.32 23.05 1.81
C LYS A 564 -14.72 22.45 0.53
N TRP A 565 -13.47 22.79 0.23
CA TRP A 565 -12.75 22.11 -0.83
C TRP A 565 -11.42 21.52 -0.37
N LEU A 566 -11.40 20.91 0.81
CA LEU A 566 -10.21 20.23 1.29
C LEU A 566 -10.02 18.89 0.58
N VAL A 567 -8.82 18.65 0.06
CA VAL A 567 -8.47 17.40 -0.58
C VAL A 567 -7.28 16.80 0.15
N PRO A 568 -7.49 15.84 1.08
CA PRO A 568 -6.39 15.28 1.88
C PRO A 568 -5.16 14.94 1.04
N GLU A 569 -4.03 15.62 1.30
CA GLU A 569 -2.78 15.29 0.58
C GLU A 569 -2.31 13.89 1.01
N SER A 570 -1.77 13.12 0.07
CA SER A 570 -1.27 11.76 0.40
C SER A 570 -0.29 11.85 1.58
N SER A 571 -0.46 10.99 2.58
CA SER A 571 0.45 11.00 3.75
C SER A 571 1.89 10.95 3.26
N GLY A 572 2.76 11.82 3.80
CA GLY A 572 4.16 11.89 3.32
C GLY A 572 4.35 13.06 2.36
N ARG A 573 3.25 13.53 1.76
CA ARG A 573 3.33 14.72 0.86
C ARG A 573 2.74 15.91 1.60
N TYR A 574 2.57 15.79 2.92
CA TYR A 574 2.04 16.93 3.74
C TYR A 574 3.20 17.87 4.07
N VAL A 575 2.89 19.07 4.56
CA VAL A 575 3.95 20.01 4.94
C VAL A 575 3.93 20.08 6.46
N ASN A 576 4.87 19.40 7.09
CA ASN A 576 4.91 19.35 8.54
C ASN A 576 5.26 20.73 9.10
N ARG A 577 4.44 21.20 10.03
CA ARG A 577 4.70 22.46 10.73
C ARG A 577 5.21 22.08 12.13
N MET A 578 6.30 22.71 12.53
CA MET A 578 6.99 22.32 13.75
C MET A 578 7.12 23.55 14.66
N THR A 579 6.20 23.67 15.62
CA THR A 579 6.18 24.81 16.55
C THR A 579 5.92 24.28 17.95
N ASN A 580 6.93 24.37 18.81
CA ASN A 580 6.73 24.07 20.22
C ASN A 580 5.87 25.14 20.87
N SER B 2 26.34 -4.52 -4.58
CA SER B 2 25.46 -5.69 -4.56
C SER B 2 24.78 -5.80 -5.91
N TYR B 3 24.94 -6.95 -6.55
CA TYR B 3 24.38 -7.20 -7.87
C TYR B 3 23.65 -8.54 -7.81
N ASN B 4 22.33 -8.48 -7.78
CA ASN B 4 21.51 -9.64 -7.50
C ASN B 4 20.58 -9.94 -8.66
N TYR B 5 20.15 -11.20 -8.71
CA TYR B 5 19.31 -11.72 -9.78
C TYR B 5 18.05 -12.29 -9.16
N VAL B 6 16.90 -11.74 -9.50
CA VAL B 6 15.62 -12.20 -8.97
C VAL B 6 14.85 -12.88 -10.09
N VAL B 7 14.45 -14.13 -9.86
CA VAL B 7 13.62 -14.88 -10.80
C VAL B 7 12.52 -15.56 -10.00
N THR B 8 11.43 -15.86 -10.69
CA THR B 8 10.24 -16.42 -10.06
C THR B 8 10.22 -17.92 -10.28
N ALA B 9 10.56 -18.69 -9.25
CA ALA B 9 10.51 -20.14 -9.36
C ALA B 9 9.08 -20.63 -9.51
N GLN B 10 8.15 -20.04 -8.76
CA GLN B 10 6.74 -20.41 -8.82
C GLN B 10 5.91 -19.15 -9.05
N LYS B 11 5.10 -19.17 -10.11
CA LYS B 11 4.23 -18.04 -10.37
C LYS B 11 3.14 -17.95 -9.31
N PRO B 12 2.69 -16.74 -8.98
CA PRO B 12 1.67 -16.61 -7.93
C PRO B 12 0.38 -17.31 -8.33
N THR B 13 -0.31 -17.86 -7.34
CA THR B 13 -1.49 -18.66 -7.61
C THR B 13 -2.75 -18.17 -6.93
N ALA B 14 -2.62 -17.19 -6.03
CA ALA B 14 -3.81 -16.59 -5.38
C ALA B 14 -4.67 -15.89 -6.43
N VAL B 15 -5.99 -15.99 -6.32
CA VAL B 15 -6.89 -15.40 -7.30
C VAL B 15 -7.25 -14.00 -6.80
N ASN B 16 -6.72 -12.99 -7.49
CA ASN B 16 -7.02 -11.61 -7.12
C ASN B 16 -8.40 -11.20 -7.60
N GLY B 17 -8.78 -11.61 -8.81
CA GLY B 17 -10.07 -11.22 -9.36
C GLY B 17 -10.53 -12.18 -10.42
N CYS B 18 -11.83 -12.14 -10.72
CA CYS B 18 -12.41 -13.08 -11.72
C CYS B 18 -13.59 -12.41 -12.42
N VAL B 19 -13.58 -12.41 -13.77
CA VAL B 19 -14.68 -11.78 -14.56
C VAL B 19 -15.13 -12.75 -15.64
N THR B 20 -16.45 -12.97 -15.76
CA THR B 20 -16.98 -13.87 -16.82
C THR B 20 -17.53 -13.02 -17.96
N GLY B 21 -17.16 -13.34 -19.21
CA GLY B 21 -17.61 -12.54 -20.37
C GLY B 21 -17.23 -13.20 -21.69
N HIS B 22 -17.12 -12.40 -22.75
CA HIS B 22 -16.77 -12.93 -24.10
C HIS B 22 -15.58 -12.14 -24.66
N PHE B 23 -14.37 -12.41 -24.15
CA PHE B 23 -13.18 -11.67 -24.60
C PHE B 23 -12.65 -12.28 -25.91
N THR B 24 -12.27 -13.56 -25.88
CA THR B 24 -11.69 -14.21 -27.09
C THR B 24 -12.66 -14.13 -28.26
N SER B 25 -13.92 -14.51 -28.06
CA SER B 25 -14.92 -14.51 -29.16
C SER B 25 -16.32 -14.33 -28.58
N ALA B 26 -17.20 -13.65 -29.32
CA ALA B 26 -18.54 -13.38 -28.80
C ALA B 26 -19.23 -14.66 -28.36
N GLU B 27 -19.10 -15.73 -29.15
CA GLU B 27 -19.86 -16.95 -28.87
C GLU B 27 -19.23 -17.73 -27.72
N ASP B 28 -17.91 -17.67 -27.56
CA ASP B 28 -17.24 -18.47 -26.55
C ASP B 28 -17.23 -17.74 -25.21
N LEU B 29 -17.85 -18.36 -24.21
CA LEU B 29 -17.81 -17.81 -22.87
C LEU B 29 -16.39 -17.89 -22.31
N ASN B 30 -16.00 -16.86 -21.56
CA ASN B 30 -14.61 -16.81 -21.04
C ASN B 30 -14.62 -16.46 -19.56
N LEU B 31 -13.70 -17.05 -18.79
CA LEU B 31 -13.57 -16.70 -17.35
C LEU B 31 -12.14 -16.21 -17.10
N LEU B 32 -11.93 -14.88 -17.16
CA LEU B 32 -10.57 -14.32 -16.98
C LEU B 32 -10.19 -14.39 -15.50
N ILE B 33 -9.00 -14.91 -15.20
CA ILE B 33 -8.55 -15.03 -13.78
C ILE B 33 -7.42 -14.03 -13.55
N ALA B 34 -7.47 -13.30 -12.43
CA ALA B 34 -6.45 -12.25 -12.19
C ALA B 34 -5.53 -12.66 -11.04
N LYS B 35 -4.22 -12.69 -11.29
CA LYS B 35 -3.24 -12.98 -10.21
C LYS B 35 -2.19 -11.87 -10.27
N ASN B 36 -1.59 -11.51 -9.13
CA ASN B 36 -0.64 -10.37 -9.16
C ASN B 36 0.21 -10.47 -10.43
N THR B 37 0.07 -9.50 -11.33
CA THR B 37 0.86 -9.49 -12.60
C THR B 37 0.67 -10.81 -13.35
N ARG B 38 -0.58 -11.30 -13.44
CA ARG B 38 -0.87 -12.56 -14.18
C ARG B 38 -2.33 -12.56 -14.63
N LEU B 39 -2.56 -12.56 -15.96
CA LEU B 39 -3.93 -12.53 -16.51
C LEU B 39 -4.21 -13.86 -17.22
N GLU B 40 -5.02 -14.73 -16.61
CA GLU B 40 -5.28 -16.07 -17.20
C GLU B 40 -6.64 -16.05 -17.91
N ILE B 41 -6.65 -16.42 -19.20
CA ILE B 41 -7.92 -16.45 -19.99
C ILE B 41 -8.33 -17.92 -20.19
N TYR B 42 -9.55 -18.28 -19.78
CA TYR B 42 -10.03 -19.68 -19.91
C TYR B 42 -11.35 -19.70 -20.68
N VAL B 43 -11.44 -20.53 -21.72
CA VAL B 43 -12.69 -20.66 -22.46
C VAL B 43 -13.45 -21.85 -21.91
N VAL B 44 -14.67 -21.61 -21.47
CA VAL B 44 -15.49 -22.69 -20.93
C VAL B 44 -15.98 -23.57 -22.07
N THR B 45 -15.68 -24.86 -22.00
CA THR B 45 -16.09 -25.81 -23.01
C THR B 45 -16.79 -26.97 -22.35
N ALA B 46 -17.23 -27.92 -23.18
CA ALA B 46 -17.90 -29.10 -22.66
C ALA B 46 -16.98 -29.91 -21.77
N GLU B 47 -15.71 -30.04 -22.16
CA GLU B 47 -14.77 -30.81 -21.36
C GLU B 47 -14.42 -30.09 -20.07
N GLY B 48 -14.47 -28.77 -20.07
CA GLY B 48 -14.02 -27.99 -18.94
C GLY B 48 -13.43 -26.66 -19.37
N LEU B 49 -12.63 -26.06 -18.48
CA LEU B 49 -12.02 -24.72 -18.78
C LEU B 49 -10.70 -24.90 -19.52
N ARG B 50 -10.75 -25.08 -20.83
CA ARG B 50 -9.55 -25.20 -21.63
C ARG B 50 -8.82 -23.86 -21.63
N PRO B 51 -7.58 -23.78 -21.09
CA PRO B 51 -6.85 -22.52 -21.00
C PRO B 51 -6.55 -21.97 -22.40
N VAL B 52 -6.58 -20.64 -22.55
CA VAL B 52 -6.33 -20.02 -23.85
C VAL B 52 -4.92 -19.43 -23.85
N LYS B 53 -4.73 -18.37 -23.06
CA LYS B 53 -3.41 -17.70 -23.01
C LYS B 53 -3.24 -16.97 -21.66
N GLU B 54 -2.03 -16.95 -21.12
CA GLU B 54 -1.78 -16.24 -19.83
C GLU B 54 -0.75 -15.14 -20.08
N VAL B 55 -1.22 -13.92 -20.41
CA VAL B 55 -0.31 -12.83 -20.69
C VAL B 55 0.04 -12.10 -19.40
N GLY B 56 1.32 -11.76 -19.25
CA GLY B 56 1.79 -11.16 -18.02
C GLY B 56 1.79 -9.64 -18.01
N MET B 57 0.95 -9.06 -17.17
CA MET B 57 0.92 -7.62 -17.00
C MET B 57 2.14 -7.16 -16.23
N TYR B 58 2.60 -5.95 -16.54
CA TYR B 58 3.72 -5.34 -15.83
C TYR B 58 3.17 -4.49 -14.67
N GLY B 59 2.33 -5.11 -13.87
CA GLY B 59 1.72 -4.42 -12.76
C GLY B 59 0.80 -5.34 -12.00
N LYS B 60 0.50 -4.93 -10.77
CA LYS B 60 -0.40 -5.70 -9.92
C LYS B 60 -1.83 -5.44 -10.36
N ILE B 61 -2.49 -6.45 -10.91
CA ILE B 61 -3.85 -6.27 -11.40
C ILE B 61 -4.76 -6.08 -10.18
N ALA B 62 -5.28 -4.87 -10.03
CA ALA B 62 -6.17 -4.54 -8.92
C ALA B 62 -7.59 -4.26 -9.37
N VAL B 63 -7.78 -3.80 -10.60
CA VAL B 63 -9.11 -3.57 -11.15
C VAL B 63 -9.18 -4.25 -12.51
N MET B 64 -10.17 -5.14 -12.69
CA MET B 64 -10.28 -5.89 -13.97
C MET B 64 -11.75 -6.00 -14.36
N GLU B 65 -12.15 -5.34 -15.45
CA GLU B 65 -13.56 -5.36 -15.89
C GLU B 65 -13.64 -5.59 -17.41
N LEU B 66 -14.37 -6.61 -17.84
CA LEU B 66 -14.56 -6.86 -19.29
C LEU B 66 -15.87 -6.18 -19.71
N PHE B 67 -15.78 -5.08 -20.48
CA PHE B 67 -17.00 -4.31 -20.85
C PHE B 67 -17.19 -4.33 -22.36
N ARG B 68 -18.44 -4.23 -22.83
CA ARG B 68 -18.68 -4.17 -24.26
C ARG B 68 -19.18 -2.81 -24.70
N PRO B 69 -18.33 -1.97 -25.28
CA PRO B 69 -18.83 -0.75 -25.92
C PRO B 69 -19.70 -1.10 -27.12
N LYS B 70 -20.68 -0.26 -27.39
CA LYS B 70 -21.54 -0.46 -28.54
C LYS B 70 -20.72 -0.38 -29.83
N GLY B 71 -20.93 -1.36 -30.71
CA GLY B 71 -20.22 -1.43 -31.96
C GLY B 71 -19.04 -2.38 -31.96
N GLU B 72 -18.53 -2.73 -30.78
CA GLU B 72 -17.45 -3.71 -30.69
C GLU B 72 -18.06 -5.11 -30.72
N SER B 73 -17.53 -5.96 -31.59
CA SER B 73 -18.10 -7.30 -31.76
C SER B 73 -17.99 -8.10 -30.48
N LYS B 74 -16.83 -8.02 -29.83
CA LYS B 74 -16.63 -8.75 -28.53
C LYS B 74 -16.33 -7.71 -27.44
N ASP B 75 -16.44 -8.12 -26.17
CA ASP B 75 -16.23 -7.17 -25.03
C ASP B 75 -14.74 -6.79 -24.94
N LEU B 76 -14.45 -5.51 -24.70
CA LEU B 76 -13.04 -5.06 -24.53
C LEU B 76 -12.64 -5.25 -23.07
N LEU B 77 -11.33 -5.21 -22.78
CA LEU B 77 -10.87 -5.48 -21.39
C LEU B 77 -10.21 -4.25 -20.78
N PHE B 78 -10.64 -3.85 -19.59
CA PHE B 78 -10.05 -2.71 -18.89
C PHE B 78 -9.30 -3.23 -17.67
N ILE B 79 -8.00 -2.96 -17.61
CA ILE B 79 -7.16 -3.38 -16.50
C ILE B 79 -6.47 -2.15 -15.94
N LEU B 80 -6.48 -2.01 -14.62
CA LEU B 80 -5.85 -0.89 -13.94
C LEU B 80 -4.90 -1.43 -12.87
N THR B 81 -3.60 -1.36 -13.12
CA THR B 81 -2.63 -1.93 -12.20
C THR B 81 -2.54 -1.09 -10.94
N ALA B 82 -2.03 -1.71 -9.87
CA ALA B 82 -1.84 -1.02 -8.61
C ALA B 82 -0.84 0.11 -8.73
N LYS B 83 0.03 0.09 -9.73
CA LYS B 83 0.87 1.24 -10.04
C LYS B 83 0.13 2.27 -10.87
N TYR B 84 -1.19 2.19 -10.88
CA TYR B 84 -2.07 3.22 -11.44
C TYR B 84 -1.91 3.31 -12.95
N ASN B 85 -1.71 2.18 -13.61
CA ASN B 85 -1.65 2.11 -15.07
C ASN B 85 -2.94 1.48 -15.55
N ALA B 86 -3.67 2.21 -16.39
CA ALA B 86 -4.91 1.70 -16.97
C ALA B 86 -4.68 1.37 -18.43
N CYS B 87 -5.40 0.37 -18.91
CA CYS B 87 -5.21 -0.08 -20.28
C CYS B 87 -6.48 -0.73 -20.80
N ILE B 88 -6.67 -0.65 -22.11
CA ILE B 88 -7.81 -1.25 -22.79
C ILE B 88 -7.28 -2.31 -23.74
N LEU B 89 -7.67 -3.56 -23.50
CA LEU B 89 -7.14 -4.68 -24.33
C LEU B 89 -8.25 -5.24 -25.23
N GLU B 90 -7.91 -5.58 -26.46
CA GLU B 90 -8.90 -6.19 -27.39
C GLU B 90 -8.32 -7.51 -27.94
N TYR B 91 -8.94 -8.63 -27.59
CA TYR B 91 -8.45 -9.95 -28.08
C TYR B 91 -8.60 -10.01 -29.60
N LYS B 92 -7.61 -10.56 -30.30
CA LYS B 92 -7.65 -10.62 -31.76
C LYS B 92 -6.92 -11.88 -32.21
N GLN B 93 -7.69 -12.93 -32.46
CA GLN B 93 -7.15 -14.18 -32.99
C GLN B 93 -7.21 -14.26 -34.50
N SER B 94 -6.73 -13.23 -35.20
CA SER B 94 -6.79 -13.20 -36.66
C SER B 94 -5.98 -14.35 -37.24
N GLY B 95 -6.67 -15.26 -37.92
CA GLY B 95 -6.02 -16.47 -38.39
C GLY B 95 -5.46 -17.26 -37.22
N GLU B 96 -4.25 -17.76 -37.38
CA GLU B 96 -3.57 -18.41 -36.27
C GLU B 96 -2.98 -17.40 -35.29
N SER B 97 -2.53 -16.25 -35.80
CA SER B 97 -1.91 -15.25 -34.96
C SER B 97 -2.86 -14.75 -33.88
N ILE B 98 -2.37 -14.71 -32.64
CA ILE B 98 -3.12 -14.20 -31.50
C ILE B 98 -2.38 -12.97 -31.00
N ASP B 99 -3.06 -11.82 -31.02
CA ASP B 99 -2.47 -10.58 -30.57
C ASP B 99 -3.47 -9.85 -29.69
N ILE B 100 -3.01 -9.39 -28.54
CA ILE B 100 -3.84 -8.58 -27.64
C ILE B 100 -3.47 -7.13 -27.91
N ILE B 101 -4.18 -6.53 -28.86
CA ILE B 101 -3.93 -5.13 -29.20
C ILE B 101 -4.37 -4.24 -28.05
N THR B 102 -3.49 -3.34 -27.64
CA THR B 102 -3.81 -2.39 -26.57
C THR B 102 -4.44 -1.14 -27.22
N ARG B 103 -5.75 -1.01 -27.06
CA ARG B 103 -6.45 0.13 -27.67
C ARG B 103 -6.16 1.42 -26.92
N ALA B 104 -6.07 1.35 -25.59
CA ALA B 104 -5.80 2.53 -24.77
C ALA B 104 -4.73 2.20 -23.74
N HIS B 105 -3.88 3.17 -23.47
CA HIS B 105 -2.81 3.00 -22.50
C HIS B 105 -2.43 4.34 -21.87
N GLY B 106 -2.36 4.39 -20.56
CA GLY B 106 -1.95 5.61 -19.89
C GLY B 106 -2.01 5.45 -18.39
N ASN B 107 -1.22 6.28 -17.72
CA ASN B 107 -1.21 6.33 -16.26
C ASN B 107 -2.29 7.28 -15.78
N VAL B 108 -2.89 6.96 -14.64
CA VAL B 108 -3.94 7.79 -14.06
C VAL B 108 -3.58 8.27 -12.66
N GLN B 109 -2.35 8.06 -12.23
CA GLN B 109 -1.93 8.51 -10.91
C GLN B 109 -2.04 10.03 -10.83
N ASP B 110 -2.60 10.53 -9.72
CA ASP B 110 -2.73 11.95 -9.50
C ASP B 110 -1.71 12.51 -8.51
N ARG B 111 -1.12 11.63 -7.70
CA ARG B 111 -0.05 12.07 -6.76
C ARG B 111 -0.52 13.30 -5.98
N ILE B 112 -1.80 13.35 -5.60
CA ILE B 112 -2.31 14.48 -4.78
C ILE B 112 -3.10 13.90 -3.60
N GLY B 113 -4.11 13.09 -3.89
CA GLY B 113 -4.97 12.54 -2.81
C GLY B 113 -4.33 11.36 -2.10
N ARG B 114 -4.76 11.08 -0.87
CA ARG B 114 -4.21 9.94 -0.09
C ARG B 114 -4.89 8.65 -0.56
N PRO B 115 -4.14 7.58 -0.89
CA PRO B 115 -4.76 6.30 -1.27
C PRO B 115 -5.94 5.96 -0.35
N SER B 116 -7.06 5.52 -0.92
CA SER B 116 -8.28 5.27 -0.11
C SER B 116 -8.02 4.17 0.92
N GLU B 117 -8.66 4.28 2.09
CA GLU B 117 -8.49 3.27 3.17
C GLU B 117 -9.02 1.91 2.69
N THR B 118 -10.20 1.92 2.06
CA THR B 118 -10.72 0.66 1.44
C THR B 118 -9.95 0.46 0.13
N GLY B 119 -9.98 -0.76 -0.44
CA GLY B 119 -9.19 -1.05 -1.66
C GLY B 119 -9.61 -0.20 -2.85
N ILE B 120 -8.70 -0.03 -3.83
CA ILE B 120 -9.04 0.74 -5.07
C ILE B 120 -10.35 0.17 -5.64
N ILE B 121 -11.15 1.01 -6.29
CA ILE B 121 -12.46 0.52 -6.72
C ILE B 121 -12.69 1.00 -8.14
N GLY B 122 -13.08 0.09 -9.03
CA GLY B 122 -13.31 0.40 -10.43
C GLY B 122 -14.68 -0.07 -10.88
N ILE B 123 -15.49 0.88 -11.33
CA ILE B 123 -16.83 0.61 -11.87
C ILE B 123 -16.83 1.01 -13.34
N ILE B 124 -17.75 0.41 -14.10
CA ILE B 124 -17.98 0.75 -15.49
C ILE B 124 -19.47 0.99 -15.68
N ASP B 125 -19.81 2.03 -16.42
CA ASP B 125 -21.21 2.36 -16.64
C ASP B 125 -21.90 1.22 -17.39
N PRO B 126 -23.06 0.76 -16.94
CA PRO B 126 -23.73 -0.35 -17.60
C PRO B 126 -24.06 -0.09 -19.06
N GLU B 127 -24.28 1.17 -19.44
CA GLU B 127 -24.49 1.54 -20.83
C GLU B 127 -23.16 1.93 -21.49
N CYS B 128 -22.05 1.51 -20.88
CA CYS B 128 -20.70 1.72 -21.40
C CYS B 128 -20.44 3.17 -21.79
N ARG B 129 -20.93 4.12 -20.98
CA ARG B 129 -20.71 5.52 -21.29
C ARG B 129 -19.37 6.00 -20.75
N MET B 130 -18.97 5.52 -19.57
CA MET B 130 -17.82 6.07 -18.88
C MET B 130 -17.34 5.06 -17.85
N ILE B 131 -16.13 5.28 -17.34
CA ILE B 131 -15.52 4.40 -16.35
C ILE B 131 -15.31 5.19 -15.07
N GLY B 132 -15.82 4.65 -13.96
CA GLY B 132 -15.69 5.28 -12.65
C GLY B 132 -14.57 4.60 -11.89
N LEU B 133 -13.71 5.41 -11.26
CA LEU B 133 -12.51 4.83 -10.59
C LEU B 133 -12.27 5.55 -9.26
N ARG B 134 -12.41 4.85 -8.14
CA ARG B 134 -12.10 5.45 -6.82
C ARG B 134 -10.59 5.28 -6.59
N LEU B 135 -9.86 6.40 -6.51
CA LEU B 135 -8.38 6.32 -6.33
C LEU B 135 -8.02 6.84 -4.94
N TYR B 136 -8.49 8.05 -4.59
CA TYR B 136 -8.10 8.66 -3.30
C TYR B 136 -9.32 9.18 -2.56
N ASP B 137 -9.19 9.42 -1.25
CA ASP B 137 -10.29 9.94 -0.46
C ASP B 137 -10.76 11.27 -1.03
N GLY B 138 -12.09 11.44 -1.07
CA GLY B 138 -12.64 12.68 -1.56
C GLY B 138 -12.34 13.00 -3.00
N LEU B 139 -12.25 11.99 -3.86
CA LEU B 139 -12.00 12.23 -5.27
C LEU B 139 -12.61 11.07 -6.05
N PHE B 140 -12.84 11.32 -7.34
CA PHE B 140 -13.51 10.34 -8.18
C PHE B 140 -13.01 10.51 -9.61
N LYS B 141 -12.07 9.66 -10.01
CA LYS B 141 -11.54 9.71 -11.36
C LYS B 141 -12.58 9.15 -12.33
N VAL B 142 -12.86 9.90 -13.39
CA VAL B 142 -13.85 9.52 -14.39
C VAL B 142 -13.19 9.57 -15.75
N ILE B 143 -13.42 8.54 -16.56
CA ILE B 143 -12.85 8.45 -17.90
C ILE B 143 -14.00 8.38 -18.90
N PRO B 144 -14.04 9.25 -19.90
CA PRO B 144 -15.02 9.08 -20.97
C PRO B 144 -14.66 7.90 -21.85
N LEU B 145 -15.68 7.39 -22.55
CA LEU B 145 -15.52 6.19 -23.38
C LEU B 145 -15.77 6.47 -24.85
N ASP B 146 -15.66 7.73 -25.28
CA ASP B 146 -15.83 8.04 -26.69
C ASP B 146 -14.74 7.37 -27.51
N ARG B 147 -15.09 6.98 -28.73
CA ARG B 147 -14.16 6.32 -29.63
C ARG B 147 -13.44 7.29 -30.55
N ASP B 148 -14.10 8.39 -30.93
CA ASP B 148 -13.59 9.32 -31.93
C ASP B 148 -12.31 10.03 -31.51
N ASN B 149 -12.28 10.60 -30.31
CA ASN B 149 -11.13 11.40 -29.89
C ASN B 149 -9.90 10.53 -29.76
N LYS B 150 -8.78 11.02 -30.27
CA LYS B 150 -7.53 10.28 -30.15
C LYS B 150 -7.06 10.19 -28.72
N GLU B 151 -7.42 11.16 -27.89
CA GLU B 151 -7.00 11.23 -26.49
C GLU B 151 -8.22 11.32 -25.59
N LEU B 152 -8.42 10.31 -24.75
CA LEU B 152 -9.49 10.36 -23.77
C LEU B 152 -9.10 11.28 -22.64
N LYS B 153 -9.99 12.19 -22.28
CA LYS B 153 -9.69 13.21 -21.27
C LYS B 153 -10.35 12.81 -19.96
N ALA B 154 -9.61 12.04 -19.16
CA ALA B 154 -10.07 11.73 -17.81
C ALA B 154 -10.03 12.98 -16.95
N PHE B 155 -10.95 13.04 -15.98
CA PHE B 155 -11.01 14.16 -15.06
C PHE B 155 -11.48 13.68 -13.71
N ASN B 156 -11.46 14.58 -12.73
CA ASN B 156 -11.83 14.26 -11.37
C ASN B 156 -12.99 15.13 -10.93
N ILE B 157 -13.78 14.61 -10.00
CA ILE B 157 -14.85 15.36 -9.35
C ILE B 157 -14.74 15.12 -7.86
N ARG B 158 -14.94 16.18 -7.06
CA ARG B 158 -14.75 16.08 -5.62
C ARG B 158 -15.92 15.33 -4.99
N LEU B 159 -15.63 14.14 -4.49
CA LEU B 159 -16.58 13.46 -3.63
C LEU B 159 -16.54 14.08 -2.25
N GLU B 160 -17.70 14.49 -1.74
CA GLU B 160 -17.77 15.27 -0.53
C GLU B 160 -17.65 14.41 0.74
N GLU B 161 -17.99 13.13 0.64
CA GLU B 161 -18.04 12.26 1.81
C GLU B 161 -16.69 12.00 2.45
N LEU B 162 -15.64 11.87 1.65
CA LEU B 162 -14.25 11.78 2.12
C LEU B 162 -13.94 10.47 2.82
N HIS B 163 -14.96 9.64 3.05
CA HIS B 163 -14.74 8.28 3.55
C HIS B 163 -15.87 7.43 2.95
N VAL B 164 -15.61 6.87 1.76
CA VAL B 164 -16.63 6.03 1.09
C VAL B 164 -16.19 4.57 1.16
N ILE B 165 -17.07 3.69 1.65
CA ILE B 165 -16.74 2.24 1.74
C ILE B 165 -16.59 1.69 0.32
N ASP B 166 -17.63 1.81 -0.51
CA ASP B 166 -17.59 1.26 -1.86
C ASP B 166 -18.73 1.81 -2.71
N VAL B 167 -18.51 1.88 -4.02
CA VAL B 167 -19.42 2.52 -4.96
C VAL B 167 -19.81 1.50 -6.03
N LYS B 168 -20.93 1.78 -6.70
CA LYS B 168 -21.40 0.98 -7.83
C LYS B 168 -22.26 1.83 -8.74
N PHE B 169 -22.26 1.52 -10.03
CA PHE B 169 -23.09 2.25 -10.97
C PHE B 169 -24.44 1.58 -11.11
N LEU B 170 -25.50 2.36 -10.91
CA LEU B 170 -26.85 1.83 -10.92
C LEU B 170 -27.32 1.56 -12.35
N TYR B 171 -28.41 0.83 -12.45
CA TYR B 171 -28.94 0.34 -13.72
C TYR B 171 -30.20 1.08 -14.09
N GLY B 172 -30.35 1.35 -15.39
CA GLY B 172 -31.59 1.87 -15.93
C GLY B 172 -31.77 3.37 -15.80
N CYS B 173 -30.93 4.05 -15.04
CA CYS B 173 -31.06 5.50 -14.92
C CYS B 173 -30.73 6.15 -16.26
N GLN B 174 -31.52 7.16 -16.63
CA GLN B 174 -31.32 7.83 -17.90
C GLN B 174 -29.95 8.48 -17.99
N ALA B 175 -29.37 8.85 -16.86
CA ALA B 175 -28.02 9.38 -16.77
C ALA B 175 -27.21 8.49 -15.84
N PRO B 176 -25.89 8.48 -15.97
CA PRO B 176 -25.09 7.62 -15.09
C PRO B 176 -25.10 8.09 -13.65
N THR B 177 -25.80 7.36 -12.79
CA THR B 177 -25.88 7.69 -11.39
C THR B 177 -25.13 6.66 -10.56
N ILE B 178 -24.38 7.12 -9.59
CA ILE B 178 -23.64 6.24 -8.71
C ILE B 178 -24.39 6.07 -7.41
N CYS B 179 -24.14 4.95 -6.74
CA CYS B 179 -24.75 4.66 -5.45
C CYS B 179 -23.68 4.04 -4.56
N PHE B 180 -23.41 4.66 -3.42
CA PHE B 180 -22.34 4.21 -2.55
C PHE B 180 -22.77 4.35 -1.10
N VAL B 181 -21.90 3.88 -0.21
CA VAL B 181 -22.09 4.01 1.23
C VAL B 181 -20.87 4.73 1.79
N TYR B 182 -21.11 5.77 2.57
CA TYR B 182 -20.05 6.54 3.21
C TYR B 182 -20.20 6.44 4.73
N GLN B 183 -19.06 6.49 5.41
CA GLN B 183 -19.07 6.36 6.87
C GLN B 183 -19.51 7.66 7.52
N ARG B 188 -22.83 4.98 9.24
CA ARG B 188 -22.69 5.01 7.80
C ARG B 188 -24.02 5.30 7.12
N HIS B 189 -23.97 5.91 5.93
CA HIS B 189 -25.17 6.24 5.19
C HIS B 189 -24.93 5.92 3.72
N VAL B 190 -26.02 5.83 2.96
CA VAL B 190 -25.97 5.60 1.53
C VAL B 190 -26.48 6.86 0.82
N LYS B 191 -25.72 7.35 -0.15
CA LYS B 191 -26.08 8.53 -0.90
C LYS B 191 -25.85 8.28 -2.39
N THR B 192 -26.55 9.05 -3.22
CA THR B 192 -26.45 8.91 -4.67
C THR B 192 -26.32 10.29 -5.31
N TYR B 193 -25.32 10.46 -6.16
CA TYR B 193 -25.16 11.68 -6.94
C TYR B 193 -25.05 11.31 -8.41
N GLU B 194 -25.95 11.86 -9.23
CA GLU B 194 -25.83 11.66 -10.67
C GLU B 194 -24.58 12.35 -11.18
N VAL B 195 -24.05 11.84 -12.29
CA VAL B 195 -22.79 12.32 -12.85
C VAL B 195 -23.04 12.86 -14.25
N SER B 196 -22.57 14.07 -14.51
CA SER B 196 -22.67 14.69 -15.82
C SER B 196 -21.30 14.67 -16.47
N LEU B 197 -21.20 14.05 -17.64
CA LEU B 197 -19.92 13.95 -18.32
C LEU B 197 -19.48 15.31 -18.86
N ARG B 198 -20.38 16.02 -19.54
CA ARG B 198 -20.01 17.31 -20.12
C ARG B 198 -19.75 18.35 -19.03
N GLU B 199 -20.67 18.46 -18.07
CA GLU B 199 -20.52 19.47 -17.02
C GLU B 199 -19.45 19.11 -16.01
N LYS B 200 -19.09 17.83 -15.88
CA LYS B 200 -18.07 17.37 -14.96
C LYS B 200 -18.38 17.80 -13.53
N GLU B 201 -19.54 17.38 -13.05
CA GLU B 201 -19.99 17.73 -11.71
C GLU B 201 -20.90 16.65 -11.18
N PHE B 202 -21.10 16.66 -9.86
CA PHE B 202 -21.92 15.66 -9.18
C PHE B 202 -23.30 16.23 -8.91
N ASN B 203 -24.18 16.12 -9.91
CA ASN B 203 -25.58 16.61 -9.75
C ASN B 203 -26.31 15.72 -8.75
N LYS B 204 -27.49 16.15 -8.30
CA LYS B 204 -28.28 15.35 -7.31
C LYS B 204 -28.56 13.96 -7.90
N GLY B 205 -28.52 12.92 -7.07
CA GLY B 205 -28.73 11.54 -7.56
C GLY B 205 -30.19 11.18 -7.68
N PRO B 206 -30.54 9.94 -8.09
CA PRO B 206 -31.93 9.55 -8.31
C PRO B 206 -32.77 9.63 -7.03
N TRP B 207 -32.24 9.11 -5.90
CA TRP B 207 -33.02 9.11 -4.64
C TRP B 207 -32.24 9.80 -3.52
N LYS B 208 -32.91 10.12 -2.42
CA LYS B 208 -32.25 10.84 -1.29
C LYS B 208 -31.32 9.89 -0.53
N GLN B 209 -30.45 10.46 0.30
CA GLN B 209 -29.53 9.62 1.12
C GLN B 209 -30.35 8.90 2.19
N GLU B 210 -29.84 7.76 2.69
CA GLU B 210 -30.55 7.00 3.76
C GLU B 210 -29.52 6.47 4.76
N ASN B 211 -29.96 6.14 5.97
CA ASN B 211 -29.04 5.58 7.01
C ASN B 211 -29.00 4.05 6.87
N VAL B 212 -27.84 3.45 7.14
CA VAL B 212 -27.69 1.97 7.01
C VAL B 212 -26.83 1.46 8.18
N GLU B 213 -26.92 0.18 8.51
CA GLU B 213 -26.16 -0.40 9.65
C GLU B 213 -24.67 -0.05 9.51
N ALA B 214 -23.96 0.09 10.63
CA ALA B 214 -22.56 0.50 10.57
C ALA B 214 -21.69 -0.50 9.83
N GLU B 215 -22.10 -1.77 9.75
CA GLU B 215 -21.28 -2.80 9.14
C GLU B 215 -21.58 -2.97 7.66
N ALA B 216 -22.44 -2.13 7.09
CA ALA B 216 -22.72 -2.20 5.66
C ALA B 216 -21.46 -1.89 4.88
N SER B 217 -21.05 -2.80 4.01
CA SER B 217 -19.74 -2.67 3.37
C SER B 217 -19.77 -3.08 1.90
N MET B 218 -20.95 -3.24 1.32
CA MET B 218 -21.05 -3.67 -0.08
C MET B 218 -22.35 -3.18 -0.68
N VAL B 219 -22.27 -2.63 -1.89
CA VAL B 219 -23.43 -2.27 -2.69
C VAL B 219 -23.40 -3.14 -3.94
N ILE B 220 -24.55 -3.69 -4.31
CA ILE B 220 -24.68 -4.45 -5.53
C ILE B 220 -25.70 -3.75 -6.41
N ALA B 221 -25.33 -3.49 -7.66
CA ALA B 221 -26.20 -2.79 -8.59
C ALA B 221 -27.20 -3.80 -9.16
N VAL B 222 -28.45 -3.72 -8.69
CA VAL B 222 -29.48 -4.61 -9.20
C VAL B 222 -29.86 -4.16 -10.61
N PRO B 223 -29.79 -5.04 -11.60
CA PRO B 223 -30.15 -4.64 -12.95
C PRO B 223 -31.65 -4.49 -13.10
N GLU B 224 -32.04 -3.92 -14.24
CA GLU B 224 -33.45 -3.86 -14.57
C GLU B 224 -33.97 -5.28 -14.84
N PRO B 225 -35.27 -5.53 -14.67
CA PRO B 225 -36.35 -4.59 -14.35
C PRO B 225 -36.51 -4.33 -12.86
N PHE B 226 -35.77 -5.04 -12.00
CA PHE B 226 -35.91 -4.82 -10.56
C PHE B 226 -35.45 -3.42 -10.18
N GLY B 227 -34.27 -3.04 -10.64
CA GLY B 227 -33.77 -1.72 -10.34
C GLY B 227 -33.36 -1.58 -8.87
N GLY B 228 -32.77 -0.42 -8.55
CA GLY B 228 -32.33 -0.17 -7.15
C GLY B 228 -31.02 -0.87 -6.85
N ALA B 229 -30.56 -0.76 -5.59
CA ALA B 229 -29.28 -1.39 -5.19
C ALA B 229 -29.43 -2.05 -3.83
N ILE B 230 -28.71 -3.15 -3.59
CA ILE B 230 -28.79 -3.87 -2.28
C ILE B 230 -27.52 -3.56 -1.47
N ILE B 231 -27.67 -2.93 -0.31
CA ILE B 231 -26.50 -2.65 0.57
C ILE B 231 -26.30 -3.87 1.48
N ILE B 232 -25.08 -4.40 1.53
CA ILE B 232 -24.84 -5.65 2.33
C ILE B 232 -24.00 -5.32 3.56
N GLY B 233 -24.48 -5.69 4.74
CA GLY B 233 -23.73 -5.48 5.96
C GLY B 233 -24.16 -6.48 7.02
N GLN B 234 -23.36 -6.58 8.07
CA GLN B 234 -23.65 -7.54 9.13
C GLN B 234 -25.05 -7.31 9.67
N GLU B 235 -25.84 -8.39 9.73
CA GLU B 235 -27.27 -8.28 10.14
C GLU B 235 -27.85 -7.02 9.47
N SER B 236 -27.50 -6.79 8.21
CA SER B 236 -28.00 -5.59 7.47
C SER B 236 -28.12 -5.87 5.98
N ILE B 237 -29.02 -6.78 5.58
CA ILE B 237 -29.26 -7.01 4.12
C ILE B 237 -30.36 -6.03 3.70
N THR B 238 -29.97 -4.84 3.22
CA THR B 238 -31.00 -3.80 2.90
C THR B 238 -31.06 -3.55 1.39
N TYR B 239 -32.26 -3.39 0.85
CA TYR B 239 -32.43 -3.07 -0.59
C TYR B 239 -32.89 -1.62 -0.73
N HIS B 240 -32.18 -0.83 -1.54
CA HIS B 240 -32.51 0.61 -1.66
C HIS B 240 -32.94 0.92 -3.09
N ASN B 241 -34.15 1.48 -3.26
CA ASN B 241 -34.64 1.84 -4.62
C ASN B 241 -35.68 2.97 -4.46
N GLY B 242 -35.25 4.14 -3.98
CA GLY B 242 -36.18 5.24 -3.74
C GLY B 242 -37.31 4.81 -2.81
N ASP B 243 -38.55 4.93 -3.26
CA ASP B 243 -39.72 4.52 -2.44
C ASP B 243 -39.56 3.05 -2.04
N LYS B 244 -38.99 2.24 -2.94
CA LYS B 244 -38.84 0.78 -2.67
C LYS B 244 -37.65 0.57 -1.72
N TYR B 245 -37.79 0.94 -0.45
CA TYR B 245 -36.71 0.69 0.55
C TYR B 245 -37.02 -0.64 1.25
N LEU B 246 -36.28 -1.70 0.90
CA LEU B 246 -36.48 -3.02 1.56
C LEU B 246 -35.31 -3.29 2.51
N ALA B 247 -35.51 -4.17 3.49
CA ALA B 247 -34.43 -4.51 4.45
C ALA B 247 -34.66 -5.92 5.00
N ILE B 248 -33.59 -6.59 5.43
CA ILE B 248 -33.72 -7.98 5.98
C ILE B 248 -32.52 -8.24 6.90
N ALA B 249 -32.74 -8.96 8.01
CA ALA B 249 -31.61 -9.30 8.89
C ALA B 249 -31.72 -10.77 9.31
N PRO B 250 -31.43 -11.69 8.40
CA PRO B 250 -31.42 -13.11 8.77
C PRO B 250 -30.31 -13.40 9.77
N PRO B 251 -30.56 -14.29 10.73
CA PRO B 251 -29.50 -14.63 11.69
C PRO B 251 -28.31 -15.33 11.05
N ILE B 252 -28.50 -15.95 9.89
CA ILE B 252 -27.40 -16.66 9.24
C ILE B 252 -26.29 -15.70 8.86
N ILE B 253 -26.65 -14.45 8.52
CA ILE B 253 -25.65 -13.47 8.13
C ILE B 253 -24.74 -13.14 9.29
N LYS B 254 -25.28 -13.14 10.51
CA LYS B 254 -24.54 -12.66 11.67
C LYS B 254 -23.22 -13.40 11.87
N GLN B 255 -23.14 -14.65 11.40
CA GLN B 255 -21.97 -15.47 11.68
C GLN B 255 -20.69 -14.83 11.15
N SER B 256 -20.73 -14.27 9.96
CA SER B 256 -19.54 -13.65 9.38
C SER B 256 -19.96 -12.59 8.38
N THR B 257 -19.03 -11.66 8.11
CA THR B 257 -19.30 -10.60 7.16
C THR B 257 -19.30 -11.17 5.75
N ILE B 258 -20.24 -10.72 4.93
CA ILE B 258 -20.28 -11.16 3.53
C ILE B 258 -19.23 -10.39 2.75
N VAL B 259 -18.43 -11.11 1.98
CA VAL B 259 -17.28 -10.51 1.29
C VAL B 259 -17.35 -10.63 -0.22
N CYS B 260 -18.27 -11.41 -0.77
CA CYS B 260 -18.33 -11.60 -2.21
C CYS B 260 -19.76 -11.53 -2.70
N HIS B 261 -19.93 -11.18 -3.98
CA HIS B 261 -21.29 -11.10 -4.57
C HIS B 261 -21.22 -11.38 -6.07
N ASN B 262 -22.16 -12.16 -6.59
CA ASN B 262 -22.19 -12.47 -8.04
C ASN B 262 -23.65 -12.51 -8.53
N ARG B 263 -23.89 -12.14 -9.79
CA ARG B 263 -25.27 -12.11 -10.34
C ARG B 263 -25.57 -13.46 -11.00
N VAL B 264 -26.19 -14.38 -10.26
CA VAL B 264 -26.53 -15.72 -10.81
C VAL B 264 -27.55 -15.54 -11.94
N ASP B 265 -28.65 -14.83 -11.66
CA ASP B 265 -29.71 -14.61 -12.67
C ASP B 265 -29.44 -13.29 -13.40
N PRO B 266 -29.51 -13.26 -14.75
CA PRO B 266 -29.28 -12.03 -15.51
C PRO B 266 -30.25 -10.92 -15.05
N ASN B 267 -31.51 -11.29 -14.79
CA ASN B 267 -32.53 -10.28 -14.36
C ASN B 267 -32.18 -9.79 -12.95
N GLY B 268 -31.42 -10.57 -12.19
CA GLY B 268 -30.98 -10.13 -10.85
C GLY B 268 -31.78 -10.78 -9.74
N SER B 269 -32.71 -11.67 -10.09
CA SER B 269 -33.52 -12.39 -9.06
C SER B 269 -32.61 -13.22 -8.17
N ARG B 270 -31.58 -13.86 -8.73
CA ARG B 270 -30.70 -14.74 -7.94
C ARG B 270 -29.30 -14.13 -7.84
N TYR B 271 -28.80 -13.95 -6.61
CA TYR B 271 -27.43 -13.41 -6.40
C TYR B 271 -26.67 -14.33 -5.45
N LEU B 272 -25.34 -14.43 -5.61
CA LEU B 272 -24.54 -15.35 -4.77
C LEU B 272 -23.75 -14.55 -3.73
N LEU B 273 -23.70 -15.04 -2.49
CA LEU B 273 -22.98 -14.38 -1.42
C LEU B 273 -21.89 -15.29 -0.88
N GLY B 274 -20.71 -14.72 -0.67
CA GLY B 274 -19.59 -15.43 -0.06
C GLY B 274 -19.10 -14.67 1.17
N ASP B 275 -18.79 -15.42 2.22
CA ASP B 275 -18.32 -14.84 3.47
C ASP B 275 -16.96 -15.43 3.85
N MET B 276 -16.36 -14.86 4.90
CA MET B 276 -15.03 -15.32 5.29
C MET B 276 -15.06 -16.73 5.84
N GLU B 277 -16.15 -17.12 6.49
CA GLU B 277 -16.22 -18.44 7.09
C GLU B 277 -16.23 -19.55 6.05
N GLY B 278 -16.41 -19.20 4.78
CA GLY B 278 -16.49 -20.19 3.73
C GLY B 278 -17.89 -20.58 3.34
N ARG B 279 -18.92 -20.07 4.02
CA ARG B 279 -20.28 -20.35 3.65
C ARG B 279 -20.64 -19.64 2.35
N LEU B 280 -21.66 -20.21 1.68
CA LEU B 280 -22.13 -19.65 0.38
C LEU B 280 -23.65 -19.44 0.49
N PHE B 281 -24.09 -18.18 0.44
CA PHE B 281 -25.50 -17.86 0.59
C PHE B 281 -26.10 -17.48 -0.75
N MET B 282 -27.24 -18.10 -1.07
CA MET B 282 -28.00 -17.78 -2.26
C MET B 282 -29.00 -16.69 -1.90
N LEU B 283 -28.84 -15.51 -2.50
CA LEU B 283 -29.72 -14.39 -2.23
C LEU B 283 -30.82 -14.33 -3.30
N LEU B 284 -32.07 -14.27 -2.85
CA LEU B 284 -33.22 -14.32 -3.75
C LEU B 284 -33.96 -13.00 -3.70
N LEU B 285 -34.37 -12.52 -4.86
CA LEU B 285 -35.27 -11.36 -4.98
C LEU B 285 -36.59 -11.89 -5.53
N GLU B 286 -37.64 -11.80 -4.72
CA GLU B 286 -38.95 -12.25 -5.16
C GLU B 286 -39.43 -11.36 -6.30
N LYS B 287 -40.02 -11.98 -7.33
CA LYS B 287 -40.47 -11.19 -8.51
C LYS B 287 -41.96 -10.87 -8.38
N GLU B 288 -42.29 -9.65 -7.96
CA GLU B 288 -43.70 -9.23 -7.88
C GLU B 288 -44.04 -8.35 -9.10
N GLU B 289 -45.32 -8.23 -9.45
CA GLU B 289 -45.72 -7.43 -10.64
C GLU B 289 -46.02 -5.99 -10.19
N VAL B 295 -43.45 -5.18 -12.24
CA VAL B 295 -42.08 -5.73 -12.00
C VAL B 295 -41.50 -5.07 -10.76
N THR B 296 -41.83 -5.58 -9.57
CA THR B 296 -41.31 -4.98 -8.30
C THR B 296 -40.83 -6.09 -7.37
N LEU B 297 -40.27 -5.73 -6.21
CA LEU B 297 -39.78 -6.73 -5.24
C LEU B 297 -40.67 -6.70 -3.99
N LYS B 298 -41.17 -7.86 -3.56
CA LYS B 298 -41.97 -7.91 -2.33
C LYS B 298 -41.10 -8.18 -1.11
N ASP B 299 -40.18 -9.13 -1.21
CA ASP B 299 -39.37 -9.46 -0.05
C ASP B 299 -38.06 -10.11 -0.49
N LEU B 300 -37.01 -9.81 0.27
CA LEU B 300 -35.70 -10.40 0.06
C LEU B 300 -35.56 -11.68 0.89
N ARG B 301 -34.70 -12.58 0.42
CA ARG B 301 -34.43 -13.80 1.17
C ARG B 301 -33.06 -14.34 0.76
N VAL B 302 -32.40 -14.97 1.74
CA VAL B 302 -31.10 -15.58 1.53
C VAL B 302 -31.19 -17.06 1.86
N GLU B 303 -30.37 -17.86 1.19
CA GLU B 303 -30.35 -19.30 1.42
C GLU B 303 -28.91 -19.78 1.44
N LEU B 304 -28.50 -20.38 2.56
CA LEU B 304 -27.19 -21.00 2.63
C LEU B 304 -27.21 -22.31 1.86
N LEU B 305 -26.16 -22.55 1.06
CA LEU B 305 -26.14 -23.75 0.19
C LEU B 305 -25.00 -24.69 0.62
N GLY B 306 -24.25 -24.33 1.66
CA GLY B 306 -23.15 -25.15 2.11
C GLY B 306 -21.92 -24.32 2.36
N GLU B 307 -20.75 -24.93 2.34
CA GLU B 307 -19.51 -24.21 2.59
C GLU B 307 -18.50 -24.51 1.49
N THR B 308 -17.57 -23.59 1.32
CA THR B 308 -16.51 -23.72 0.33
C THR B 308 -15.26 -23.05 0.87
N SER B 309 -14.19 -23.15 0.09
CA SER B 309 -12.95 -22.48 0.46
C SER B 309 -13.16 -20.98 0.53
N ILE B 310 -12.37 -20.31 1.34
CA ILE B 310 -12.50 -18.88 1.57
C ILE B 310 -12.49 -18.17 0.23
N ALA B 311 -13.49 -17.32 0.00
CA ALA B 311 -13.74 -16.77 -1.33
C ALA B 311 -13.25 -15.34 -1.42
N GLU B 312 -12.51 -15.04 -2.48
CA GLU B 312 -12.11 -13.68 -2.78
C GLU B 312 -13.02 -13.06 -3.83
N CYS B 313 -13.40 -13.84 -4.84
CA CYS B 313 -14.37 -13.42 -5.83
C CYS B 313 -15.09 -14.63 -6.40
N LEU B 314 -16.41 -14.58 -6.41
CA LEU B 314 -17.25 -15.63 -6.97
C LEU B 314 -17.53 -15.34 -8.43
N THR B 315 -17.74 -16.41 -9.21
CA THR B 315 -18.01 -16.24 -10.67
C THR B 315 -18.89 -17.39 -11.16
N TYR B 316 -20.20 -17.15 -11.25
CA TYR B 316 -21.14 -18.20 -11.73
C TYR B 316 -20.84 -18.53 -13.20
N LEU B 317 -20.76 -19.81 -13.53
CA LEU B 317 -20.54 -20.23 -14.94
C LEU B 317 -21.78 -20.99 -15.43
N ASP B 318 -21.78 -21.43 -16.70
CA ASP B 318 -22.97 -22.11 -17.26
C ASP B 318 -23.13 -23.50 -16.62
N ASN B 319 -24.27 -24.14 -16.83
CA ASN B 319 -24.53 -25.51 -16.30
C ASN B 319 -24.53 -25.48 -14.77
N GLY B 320 -24.86 -24.32 -14.17
CA GLY B 320 -25.00 -24.25 -12.70
C GLY B 320 -23.70 -24.56 -11.95
N VAL B 321 -22.56 -24.19 -12.52
CA VAL B 321 -21.24 -24.37 -11.82
C VAL B 321 -20.69 -22.98 -11.48
N VAL B 322 -19.89 -22.88 -10.41
CA VAL B 322 -19.34 -21.55 -9.98
C VAL B 322 -17.84 -21.67 -9.77
N PHE B 323 -17.09 -20.59 -10.00
CA PHE B 323 -15.62 -20.60 -9.78
C PHE B 323 -15.34 -19.76 -8.53
N VAL B 324 -15.11 -20.41 -7.39
CA VAL B 324 -14.85 -19.73 -6.14
C VAL B 324 -13.42 -19.25 -6.15
N GLY B 325 -13.19 -18.06 -6.69
CA GLY B 325 -11.87 -17.46 -6.63
C GLY B 325 -11.42 -17.30 -5.20
N SER B 326 -10.21 -17.76 -4.89
CA SER B 326 -9.72 -17.76 -3.52
C SER B 326 -8.39 -17.04 -3.44
N ARG B 327 -8.12 -16.48 -2.25
CA ARG B 327 -6.81 -15.80 -2.01
C ARG B 327 -6.21 -16.36 -0.72
N LEU B 328 -7.06 -16.82 0.21
CA LEU B 328 -6.56 -17.40 1.45
C LEU B 328 -6.45 -18.91 1.37
N GLY B 329 -6.47 -19.49 0.18
CA GLY B 329 -6.44 -20.92 0.07
C GLY B 329 -6.62 -21.39 -1.35
N ASP B 330 -7.31 -22.53 -1.48
CA ASP B 330 -7.32 -23.25 -2.74
C ASP B 330 -8.63 -22.99 -3.50
N SER B 331 -8.51 -22.55 -4.74
CA SER B 331 -9.69 -22.17 -5.52
C SER B 331 -10.40 -23.40 -6.07
N GLN B 332 -11.74 -23.39 -5.96
CA GLN B 332 -12.57 -24.54 -6.24
C GLN B 332 -13.56 -24.25 -7.36
N LEU B 333 -13.92 -25.30 -8.09
CA LEU B 333 -15.04 -25.26 -9.04
C LEU B 333 -16.26 -25.94 -8.41
N VAL B 334 -16.96 -25.21 -7.54
CA VAL B 334 -18.11 -25.82 -6.82
C VAL B 334 -19.31 -25.94 -7.76
N LYS B 335 -19.97 -27.09 -7.77
CA LYS B 335 -21.19 -27.28 -8.61
C LYS B 335 -22.42 -27.10 -7.73
N LEU B 336 -23.39 -26.30 -8.18
CA LEU B 336 -24.62 -26.05 -7.36
C LEU B 336 -25.67 -27.09 -7.72
N ASN B 337 -25.93 -28.04 -6.81
CA ASN B 337 -26.92 -29.12 -7.09
C ASN B 337 -28.33 -28.61 -6.74
N VAL B 338 -29.28 -28.79 -7.67
CA VAL B 338 -30.69 -28.36 -7.42
C VAL B 338 -31.19 -29.10 -6.19
N ASP B 339 -30.71 -30.33 -5.96
CA ASP B 339 -31.12 -31.09 -4.79
C ASP B 339 -30.15 -30.86 -3.64
N SER B 340 -30.61 -31.20 -2.44
CA SER B 340 -29.76 -31.07 -1.26
C SER B 340 -28.91 -32.32 -1.09
N ASN B 341 -27.71 -32.12 -0.56
CA ASN B 341 -26.89 -33.26 -0.17
C ASN B 341 -27.41 -33.83 1.15
N GLU B 342 -26.92 -35.03 1.48
CA GLU B 342 -27.33 -35.68 2.71
C GLU B 342 -27.01 -34.83 3.94
N GLN B 343 -25.92 -34.07 3.89
CA GLN B 343 -25.55 -33.15 4.95
C GLN B 343 -26.15 -31.77 4.77
N GLY B 344 -27.19 -31.65 3.92
CA GLY B 344 -27.82 -30.37 3.69
C GLY B 344 -26.90 -29.35 3.05
N SER B 345 -26.14 -29.79 2.05
CA SER B 345 -25.20 -28.92 1.34
C SER B 345 -25.56 -28.94 -0.14
N TYR B 346 -26.22 -27.86 -0.59
CA TYR B 346 -26.63 -27.76 -2.01
C TYR B 346 -25.39 -27.61 -2.89
N VAL B 347 -24.20 -27.59 -2.27
CA VAL B 347 -22.95 -27.36 -3.06
C VAL B 347 -22.10 -28.62 -3.04
N VAL B 348 -21.51 -28.99 -4.19
CA VAL B 348 -20.62 -30.14 -4.27
C VAL B 348 -19.37 -29.73 -5.03
N ALA B 349 -18.21 -30.01 -4.47
CA ALA B 349 -16.96 -29.66 -5.13
C ALA B 349 -16.66 -30.65 -6.25
N MET B 350 -16.14 -30.13 -7.36
CA MET B 350 -15.75 -30.98 -8.48
C MET B 350 -14.25 -30.95 -8.73
N GLU B 351 -13.70 -29.76 -8.97
CA GLU B 351 -12.28 -29.61 -9.26
C GLU B 351 -11.72 -28.47 -8.41
N THR B 352 -10.53 -28.67 -7.87
CA THR B 352 -9.93 -27.73 -6.95
C THR B 352 -8.56 -27.31 -7.48
N PHE B 353 -8.45 -26.05 -7.87
CA PHE B 353 -7.20 -25.54 -8.42
C PHE B 353 -6.20 -25.27 -7.31
N THR B 354 -4.97 -25.72 -7.50
CA THR B 354 -3.96 -25.63 -6.46
C THR B 354 -3.47 -24.19 -6.30
N ASN B 355 -3.18 -23.82 -5.06
CA ASN B 355 -2.69 -22.47 -4.78
C ASN B 355 -1.95 -22.48 -3.46
N LEU B 356 -0.71 -21.99 -3.47
CA LEU B 356 0.08 -21.93 -2.24
C LEU B 356 -0.49 -20.91 -1.27
N GLY B 357 -1.22 -19.93 -1.80
CA GLY B 357 -1.86 -18.92 -0.94
C GLY B 357 -0.85 -18.22 -0.03
N PRO B 358 -1.27 -17.73 1.16
CA PRO B 358 -0.36 -16.97 2.02
C PRO B 358 0.77 -17.87 2.56
N ILE B 359 2.02 -17.58 2.17
CA ILE B 359 3.18 -18.37 2.68
C ILE B 359 3.64 -17.69 3.97
N VAL B 360 3.09 -18.13 5.12
CA VAL B 360 3.46 -17.50 6.38
C VAL B 360 4.90 -17.81 6.76
N ASP B 361 5.40 -18.98 6.33
CA ASP B 361 6.78 -19.39 6.69
C ASP B 361 7.21 -20.57 5.83
N MET B 362 8.52 -20.86 5.79
CA MET B 362 9.05 -21.99 4.98
C MET B 362 10.46 -22.33 5.47
N CYS B 363 10.78 -23.62 5.60
CA CYS B 363 12.12 -24.00 6.03
C CYS B 363 12.61 -25.10 5.08
N VAL B 364 13.49 -24.73 4.15
CA VAL B 364 13.95 -25.69 3.15
C VAL B 364 14.67 -26.83 3.86
N VAL B 365 14.33 -28.06 3.50
CA VAL B 365 14.89 -29.25 4.13
C VAL B 365 15.16 -30.28 3.04
N ASP B 366 16.28 -30.97 3.15
CA ASP B 366 16.59 -32.08 2.25
C ASP B 366 16.21 -33.38 2.95
N LEU B 367 14.91 -33.69 2.89
CA LEU B 367 14.41 -34.89 3.54
C LEU B 367 15.05 -36.14 2.94
N GLU B 368 15.17 -36.19 1.62
CA GLU B 368 15.86 -37.28 0.94
C GLU B 368 17.34 -36.93 0.83
N ARG B 369 18.10 -37.72 0.10
CA ARG B 369 19.52 -37.47 -0.15
C ARG B 369 19.66 -36.71 -1.46
N GLN B 370 20.85 -36.61 -2.06
CA GLN B 370 21.09 -36.09 -3.39
C GLN B 370 20.97 -34.56 -3.47
N GLY B 371 21.11 -33.88 -2.34
CA GLY B 371 21.16 -32.43 -2.34
C GLY B 371 19.97 -31.76 -2.99
N GLN B 372 18.82 -32.40 -2.92
CA GLN B 372 17.59 -31.87 -3.52
C GLN B 372 16.75 -31.27 -2.40
N GLY B 373 17.00 -30.00 -2.10
CA GLY B 373 16.26 -29.31 -1.06
C GLY B 373 14.77 -29.28 -1.35
N GLN B 374 13.98 -29.76 -0.40
CA GLN B 374 12.54 -29.85 -0.55
C GLN B 374 11.90 -28.81 0.34
N LEU B 375 11.11 -27.91 -0.26
CA LEU B 375 10.58 -26.76 0.54
C LEU B 375 9.27 -27.11 1.25
N VAL B 376 9.30 -27.24 2.57
CA VAL B 376 8.03 -27.43 3.33
C VAL B 376 7.54 -26.03 3.68
N THR B 377 6.26 -25.72 3.45
CA THR B 377 5.79 -24.34 3.65
C THR B 377 4.46 -24.28 4.41
N CYS B 378 4.39 -23.49 5.49
CA CYS B 378 3.09 -23.29 6.17
C CYS B 378 2.24 -22.40 5.26
N SER B 379 1.02 -22.81 4.93
CA SER B 379 0.22 -22.03 3.96
C SER B 379 -1.24 -21.93 4.40
N GLY B 380 -2.03 -21.10 3.70
CA GLY B 380 -3.44 -20.98 4.01
C GLY B 380 -3.67 -20.31 5.35
N ALA B 381 -4.94 -20.20 5.70
CA ALA B 381 -5.33 -19.62 6.98
C ALA B 381 -6.72 -20.11 7.32
N PHE B 382 -7.08 -19.92 8.59
CA PHE B 382 -8.39 -20.30 9.12
C PHE B 382 -8.65 -21.76 8.78
N LYS B 383 -9.82 -22.12 8.24
CA LYS B 383 -10.14 -23.52 7.98
C LYS B 383 -9.28 -24.11 6.88
N GLU B 384 -8.60 -23.29 6.08
CA GLU B 384 -7.86 -23.78 4.94
C GLU B 384 -6.35 -23.77 5.16
N GLY B 385 -5.91 -23.55 6.40
CA GLY B 385 -4.50 -23.62 6.71
C GLY B 385 -3.93 -25.01 6.46
N SER B 386 -2.81 -25.08 5.75
CA SER B 386 -2.24 -26.41 5.39
C SER B 386 -0.75 -26.31 5.11
N LEU B 387 0.00 -27.38 5.35
CA LEU B 387 1.45 -27.40 5.03
C LEU B 387 1.62 -27.80 3.56
N ARG B 388 2.54 -27.16 2.85
CA ARG B 388 2.77 -27.48 1.41
C ARG B 388 4.19 -28.05 1.25
N ILE B 389 4.35 -29.06 0.38
CA ILE B 389 5.66 -29.64 0.16
C ILE B 389 5.92 -29.65 -1.33
N ILE B 390 6.89 -28.85 -1.77
CA ILE B 390 7.18 -28.67 -3.18
C ILE B 390 8.63 -29.05 -3.44
N ARG B 391 8.84 -29.91 -4.44
CA ARG B 391 10.16 -30.32 -4.87
C ARG B 391 10.26 -30.21 -6.38
N ASN B 392 11.46 -29.90 -6.85
CA ASN B 392 11.69 -29.74 -8.28
C ASN B 392 11.49 -31.06 -9.03
N GLY B 393 11.03 -30.97 -10.26
CA GLY B 393 10.83 -32.13 -11.10
C GLY B 393 11.90 -32.29 -12.15
N LYS B 405 5.97 -30.28 -13.35
CA LYS B 405 7.32 -29.97 -12.88
C LYS B 405 7.38 -29.97 -11.36
N LEU B 406 6.99 -28.84 -10.76
CA LEU B 406 7.07 -28.67 -9.31
C LEU B 406 5.93 -29.42 -8.65
N HIS B 407 6.14 -30.69 -8.34
CA HIS B 407 5.14 -31.48 -7.65
C HIS B 407 4.91 -30.93 -6.26
N ILE B 408 3.65 -30.75 -5.89
CA ILE B 408 3.28 -30.09 -4.64
C ILE B 408 2.38 -31.05 -3.87
N ARG B 409 2.87 -31.54 -2.73
CA ARG B 409 2.05 -32.35 -1.84
C ARG B 409 1.50 -31.48 -0.72
N THR B 410 0.21 -31.62 -0.44
CA THR B 410 -0.48 -30.76 0.50
C THR B 410 -0.97 -31.59 1.68
N VAL B 411 -0.69 -31.13 2.89
CA VAL B 411 -1.18 -31.80 4.10
C VAL B 411 -2.11 -30.84 4.82
N PRO B 412 -3.42 -31.00 4.70
CA PRO B 412 -4.35 -30.05 5.32
C PRO B 412 -4.26 -30.10 6.83
N LEU B 413 -4.36 -28.93 7.47
CA LEU B 413 -4.34 -28.86 8.96
C LEU B 413 -5.70 -28.33 9.45
N TYR B 414 -6.48 -27.71 8.57
CA TYR B 414 -7.77 -27.14 8.94
C TYR B 414 -7.65 -26.16 10.09
N GLU B 415 -6.49 -25.52 10.22
CA GLU B 415 -6.27 -24.48 11.21
C GLU B 415 -5.10 -23.63 10.74
N SER B 416 -5.01 -22.43 11.28
CA SER B 416 -4.01 -21.49 10.81
C SER B 416 -2.63 -21.85 11.33
N PRO B 417 -1.65 -22.12 10.47
CA PRO B 417 -0.28 -22.33 10.93
C PRO B 417 0.52 -21.03 10.90
N ARG B 418 1.33 -20.81 11.94
CA ARG B 418 2.15 -19.59 12.01
C ARG B 418 3.50 -19.86 11.33
N LYS B 419 4.37 -20.64 11.99
CA LYS B 419 5.68 -20.94 11.42
C LYS B 419 6.09 -22.36 11.78
N ILE B 420 7.05 -22.88 11.02
CA ILE B 420 7.52 -24.25 11.16
C ILE B 420 9.03 -24.25 11.30
N CYS B 421 9.53 -25.13 12.18
CA CYS B 421 10.96 -25.38 12.25
C CYS B 421 11.19 -26.89 12.26
N TYR B 422 12.32 -27.29 11.69
CA TYR B 422 12.65 -28.69 11.45
C TYR B 422 13.62 -29.18 12.51
N GLN B 423 13.32 -30.36 13.08
CA GLN B 423 14.23 -30.99 14.08
C GLN B 423 14.64 -32.34 13.50
N GLU B 424 15.74 -32.39 12.74
CA GLU B 424 16.20 -33.59 12.08
C GLU B 424 16.54 -34.71 13.05
N VAL B 425 16.76 -34.39 14.32
CA VAL B 425 17.13 -35.42 15.28
C VAL B 425 16.02 -36.46 15.39
N SER B 426 14.78 -35.96 15.53
CA SER B 426 13.62 -36.87 15.64
C SER B 426 12.86 -36.95 14.31
N GLN B 427 13.45 -36.40 13.24
CA GLN B 427 12.80 -36.43 11.91
C GLN B 427 11.35 -35.92 12.06
N CYS B 428 11.20 -34.72 12.62
CA CYS B 428 9.82 -34.19 12.87
C CYS B 428 9.74 -32.72 12.45
N PHE B 429 8.51 -32.23 12.20
CA PHE B 429 8.31 -30.81 11.80
C PHE B 429 7.40 -30.11 12.82
N GLY B 430 7.98 -29.21 13.63
CA GLY B 430 7.21 -28.47 14.60
C GLY B 430 6.66 -27.22 13.96
N VAL B 431 5.32 -27.14 13.97
CA VAL B 431 4.63 -25.97 13.36
C VAL B 431 3.79 -25.28 14.43
N LEU B 432 3.77 -23.95 14.42
CA LEU B 432 2.96 -23.18 15.36
C LEU B 432 1.58 -22.97 14.74
N SER B 433 0.57 -23.60 15.31
CA SER B 433 -0.77 -23.57 14.74
C SER B 433 -1.73 -22.81 15.65
N SER B 434 -2.63 -22.07 15.04
CA SER B 434 -3.69 -21.37 15.76
C SER B 434 -5.02 -21.75 15.15
N ARG B 435 -5.98 -22.09 16.01
CA ARG B 435 -7.34 -22.38 15.59
C ARG B 435 -8.28 -21.43 16.29
N ILE B 436 -9.37 -21.08 15.62
CA ILE B 436 -10.33 -20.11 16.15
C ILE B 436 -11.47 -20.86 16.83
N GLU B 437 -11.76 -20.48 18.07
CA GLU B 437 -12.85 -21.06 18.82
C GLU B 437 -13.80 -19.96 19.28
N VAL B 438 -15.09 -20.28 19.33
CA VAL B 438 -16.14 -19.33 19.66
C VAL B 438 -16.58 -19.58 21.10
N GLN B 439 -16.62 -18.50 21.89
CA GLN B 439 -16.97 -18.60 23.29
C GLN B 439 -18.44 -18.94 23.46
N ASP B 440 -18.77 -19.52 24.60
CA ASP B 440 -20.14 -19.86 24.94
C ASP B 440 -20.23 -20.04 26.45
N THR B 441 -21.46 -20.04 26.96
CA THR B 441 -21.70 -20.32 28.36
C THR B 441 -21.75 -21.82 28.65
N SER B 442 -21.84 -22.65 27.62
CA SER B 442 -21.85 -24.11 27.79
C SER B 442 -20.40 -24.58 27.85
N GLY B 443 -19.91 -24.84 29.05
CA GLY B 443 -18.51 -25.15 29.21
C GLY B 443 -17.66 -23.92 28.96
N GLY B 444 -16.36 -24.16 28.78
CA GLY B 444 -15.46 -23.08 28.50
C GLY B 444 -15.64 -22.52 27.10
N THR B 445 -15.29 -23.31 26.09
CA THR B 445 -15.39 -22.88 24.69
C THR B 445 -15.18 -24.07 23.76
N THR B 446 -16.06 -24.21 22.77
CA THR B 446 -15.99 -25.31 21.82
C THR B 446 -15.41 -24.84 20.49
N ALA B 447 -14.66 -25.72 19.85
CA ALA B 447 -14.00 -25.42 18.58
C ALA B 447 -15.01 -25.38 17.43
N LEU B 448 -14.69 -24.59 16.42
CA LEU B 448 -15.54 -24.49 15.24
C LEU B 448 -15.56 -25.80 14.47
N ARG B 449 -14.40 -26.34 14.17
CA ARG B 449 -14.27 -27.55 13.36
C ARG B 449 -13.28 -28.50 14.01
N PRO B 450 -13.47 -29.81 13.82
CA PRO B 450 -12.49 -30.78 14.33
C PRO B 450 -11.22 -30.80 13.48
N SER B 451 -10.34 -29.86 13.78
CA SER B 451 -9.10 -29.73 13.05
C SER B 451 -8.05 -30.70 13.55
N ALA B 452 -6.81 -30.53 13.07
CA ALA B 452 -5.74 -31.45 13.43
C ALA B 452 -5.31 -31.27 14.88
N SER B 453 -5.58 -30.11 15.47
CA SER B 453 -5.21 -29.89 16.87
C SER B 453 -5.89 -30.91 17.77
N THR B 454 -7.15 -31.19 17.52
CA THR B 454 -7.87 -32.23 18.25
C THR B 454 -7.75 -33.59 17.59
N GLN B 455 -7.11 -33.67 16.42
CA GLN B 455 -6.93 -34.92 15.72
C GLN B 455 -5.52 -35.49 15.87
N ALA B 456 -4.69 -34.84 16.69
CA ALA B 456 -3.35 -35.33 16.95
C ALA B 456 -3.41 -36.65 17.72
N LEU B 457 -2.40 -37.50 17.50
CA LEU B 457 -2.36 -38.80 18.17
C LEU B 457 -2.31 -38.64 19.68
N SER B 458 -1.40 -37.78 20.16
CA SER B 458 -1.27 -37.50 21.58
C SER B 458 -1.50 -36.01 21.81
N SER B 459 -2.08 -35.68 22.97
CA SER B 459 -2.42 -34.31 23.28
C SER B 459 -2.00 -33.97 24.70
N SER B 460 -1.49 -32.76 24.88
CA SER B 460 -1.10 -32.27 26.19
C SER B 460 -1.22 -30.76 26.21
N VAL B 461 -1.28 -30.19 27.41
CA VAL B 461 -1.43 -28.75 27.59
C VAL B 461 -0.33 -28.24 28.49
N SER B 462 0.00 -26.96 28.33
CA SER B 462 1.01 -26.35 29.19
C SER B 462 0.57 -26.34 30.64
N SER B 463 -0.52 -25.61 30.94
CA SER B 463 -1.10 -25.57 32.27
C SER B 463 -0.07 -25.20 33.33
N SER B 464 0.86 -24.32 32.98
CA SER B 464 1.91 -23.87 33.88
C SER B 464 1.62 -22.44 34.28
N LYS B 465 1.62 -22.17 35.59
CA LYS B 465 1.31 -20.83 36.08
C LYS B 465 2.33 -19.81 35.54
N LEU B 466 3.61 -20.12 35.68
CA LEU B 466 4.70 -19.27 35.18
C LEU B 466 4.58 -17.83 35.67
N VAL B 482 -12.25 -16.78 20.60
CA VAL B 482 -10.94 -16.96 21.22
C VAL B 482 -10.04 -17.80 20.33
N GLU B 483 -8.74 -17.62 20.49
CA GLU B 483 -7.74 -18.36 19.73
C GLU B 483 -7.07 -19.38 20.62
N VAL B 484 -6.94 -20.60 20.12
CA VAL B 484 -6.20 -21.65 20.80
C VAL B 484 -4.93 -21.91 20.00
N HIS B 485 -3.78 -21.75 20.65
CA HIS B 485 -2.49 -21.95 20.01
C HIS B 485 -1.89 -23.27 20.46
N ASN B 486 -1.37 -24.02 19.50
CA ASN B 486 -0.83 -25.35 19.78
C ASN B 486 0.48 -25.52 19.04
N LEU B 487 1.32 -26.40 19.56
CA LEU B 487 2.51 -26.84 18.86
C LEU B 487 2.24 -28.24 18.32
N LEU B 488 2.17 -28.35 16.99
CA LEU B 488 1.86 -29.65 16.35
C LEU B 488 3.15 -30.27 15.81
N ILE B 489 3.73 -31.24 16.51
CA ILE B 489 4.92 -31.93 15.94
C ILE B 489 4.41 -32.93 14.89
N ILE B 490 5.00 -32.90 13.69
CA ILE B 490 4.49 -33.76 12.58
C ILE B 490 5.63 -34.59 12.00
N ASP B 491 5.35 -35.83 11.58
CA ASP B 491 6.40 -36.73 11.02
C ASP B 491 6.91 -36.16 9.70
N GLN B 492 8.14 -36.53 9.31
CA GLN B 492 8.74 -36.00 8.05
C GLN B 492 8.52 -36.98 6.91
N HIS B 493 7.86 -38.11 7.18
CA HIS B 493 7.60 -39.11 6.14
C HIS B 493 6.12 -39.34 5.90
N THR B 494 5.37 -39.71 6.93
CA THR B 494 3.93 -39.86 6.81
C THR B 494 3.18 -38.54 6.90
N PHE B 495 3.85 -37.52 7.46
CA PHE B 495 3.24 -36.18 7.62
C PHE B 495 1.91 -36.31 8.40
N GLU B 496 1.98 -36.94 9.58
CA GLU B 496 0.78 -37.06 10.45
C GLU B 496 1.08 -36.39 11.79
N VAL B 497 0.19 -35.53 12.27
CA VAL B 497 0.44 -34.80 13.55
C VAL B 497 0.67 -35.83 14.66
N LEU B 498 1.83 -35.79 15.30
CA LEU B 498 2.17 -36.79 16.35
C LEU B 498 1.69 -36.27 17.70
N HIS B 499 1.91 -34.98 17.98
CA HIS B 499 1.54 -34.43 19.31
C HIS B 499 1.15 -32.96 19.19
N ALA B 500 0.23 -32.51 20.05
CA ALA B 500 -0.19 -31.13 20.08
C ALA B 500 -0.07 -30.60 21.50
N HIS B 501 0.27 -29.32 21.60
CA HIS B 501 0.46 -28.68 22.91
C HIS B 501 -0.35 -27.39 22.94
N GLN B 502 -1.59 -27.48 23.39
CA GLN B 502 -2.42 -26.30 23.58
C GLN B 502 -1.86 -25.47 24.72
N PHE B 503 -1.60 -24.20 24.45
CA PHE B 503 -0.99 -23.34 25.45
C PHE B 503 -2.05 -22.86 26.44
N LEU B 504 -1.65 -21.92 27.31
CA LEU B 504 -2.58 -21.37 28.28
C LEU B 504 -3.69 -20.60 27.57
N GLN B 505 -4.77 -20.37 28.30
CA GLN B 505 -5.83 -19.51 27.78
C GLN B 505 -5.30 -18.10 27.59
N ASN B 506 -5.62 -17.50 26.45
CA ASN B 506 -5.16 -16.19 26.01
C ASN B 506 -3.67 -16.18 25.72
N GLU B 507 -2.97 -17.30 25.83
CA GLU B 507 -1.55 -17.37 25.50
C GLU B 507 -1.41 -17.36 23.99
N TYR B 508 -0.78 -16.32 23.46
CA TYR B 508 -0.61 -16.15 22.03
C TYR B 508 0.79 -16.62 21.64
N ALA B 509 0.87 -17.79 21.02
CA ALA B 509 2.16 -18.29 20.56
C ALA B 509 2.64 -17.46 19.38
N LEU B 510 3.88 -16.99 19.45
CA LEU B 510 4.41 -16.08 18.46
C LEU B 510 5.60 -16.65 17.69
N SER B 511 6.60 -17.19 18.37
CA SER B 511 7.85 -17.54 17.73
C SER B 511 8.27 -18.96 18.09
N LEU B 512 9.01 -19.58 17.16
CA LEU B 512 9.46 -20.96 17.32
C LEU B 512 10.77 -21.15 16.54
N VAL B 513 11.68 -21.93 17.11
CA VAL B 513 12.89 -22.38 16.43
C VAL B 513 13.45 -23.54 17.24
N SER B 514 14.26 -24.38 16.58
CA SER B 514 14.88 -25.53 17.22
C SER B 514 16.40 -25.46 17.08
N CYS B 515 17.10 -25.68 18.18
CA CYS B 515 18.56 -25.70 18.17
C CYS B 515 19.06 -26.35 19.45
N LYS B 516 20.30 -26.81 19.42
CA LYS B 516 20.92 -27.42 20.60
C LYS B 516 21.66 -26.36 21.41
N LEU B 517 20.95 -25.84 22.40
CA LEU B 517 21.47 -24.75 23.21
C LEU B 517 22.65 -25.20 24.06
N GLY B 518 23.72 -24.40 24.07
CA GLY B 518 24.83 -24.60 24.96
C GLY B 518 25.51 -25.96 24.79
N LYS B 519 26.02 -26.47 25.91
CA LYS B 519 26.69 -27.76 25.89
C LYS B 519 25.69 -28.91 25.79
N ASP B 520 24.44 -28.66 26.16
CA ASP B 520 23.45 -29.74 26.21
C ASP B 520 23.15 -30.23 24.80
N PRO B 521 23.36 -31.51 24.51
CA PRO B 521 23.26 -32.00 23.13
C PRO B 521 21.85 -32.34 22.70
N ASN B 522 20.87 -32.31 23.60
CA ASN B 522 19.50 -32.66 23.25
C ASN B 522 18.85 -31.46 22.56
N THR B 523 18.50 -31.62 21.28
CA THR B 523 17.86 -30.55 20.54
C THR B 523 16.53 -30.19 21.19
N TYR B 524 16.29 -28.90 21.33
CA TYR B 524 15.12 -28.39 22.04
C TYR B 524 14.20 -27.64 21.11
N PHE B 525 12.90 -27.63 21.46
CA PHE B 525 11.89 -26.85 20.70
C PHE B 525 11.58 -25.59 21.51
N ILE B 526 12.30 -24.50 21.26
CA ILE B 526 12.17 -23.25 21.99
C ILE B 526 11.15 -22.39 21.25
N VAL B 527 10.12 -21.96 21.98
CA VAL B 527 9.00 -21.21 21.41
C VAL B 527 8.76 -19.98 22.27
N GLY B 528 8.13 -18.97 21.67
CA GLY B 528 7.84 -17.72 22.35
C GLY B 528 6.36 -17.37 22.27
N THR B 529 5.75 -17.21 23.43
CA THR B 529 4.34 -16.88 23.53
C THR B 529 4.15 -15.46 24.02
N ALA B 530 2.91 -14.98 23.93
CA ALA B 530 2.54 -13.67 24.43
C ALA B 530 1.28 -13.80 25.26
N MET B 531 1.29 -13.21 26.45
CA MET B 531 0.13 -13.22 27.34
C MET B 531 -0.81 -12.06 27.01
N VAL B 532 -1.32 -12.08 25.78
CA VAL B 532 -2.13 -10.96 25.29
C VAL B 532 -3.48 -10.98 25.98
N TYR B 533 -3.90 -9.81 26.46
CA TYR B 533 -5.20 -9.62 27.07
C TYR B 533 -6.03 -8.65 26.24
N PRO B 534 -7.35 -8.87 26.13
CA PRO B 534 -8.17 -7.94 25.35
C PRO B 534 -8.14 -6.51 25.89
N GLU B 535 -8.01 -6.36 27.20
CA GLU B 535 -8.01 -5.03 27.80
C GLU B 535 -6.77 -4.23 27.40
N GLU B 536 -5.64 -4.91 27.21
CA GLU B 536 -4.39 -4.25 26.89
C GLU B 536 -4.11 -4.35 25.39
N ALA B 537 -3.90 -3.20 24.76
CA ALA B 537 -3.57 -3.18 23.34
C ALA B 537 -2.20 -3.82 23.09
N GLU B 538 -1.19 -3.36 23.83
CA GLU B 538 0.14 -3.94 23.66
C GLU B 538 0.43 -4.94 24.78
N PRO B 539 1.07 -6.05 24.44
CA PRO B 539 1.29 -7.10 25.45
C PRO B 539 2.28 -6.67 26.50
N LYS B 540 2.19 -7.31 27.67
CA LYS B 540 3.10 -7.04 28.76
C LYS B 540 3.76 -8.28 29.35
N GLN B 541 3.14 -9.45 29.14
CA GLN B 541 3.72 -10.71 29.67
C GLN B 541 3.96 -11.69 28.52
N GLY B 542 5.00 -12.52 28.62
CA GLY B 542 5.29 -13.53 27.59
C GLY B 542 6.22 -14.59 28.16
N ARG B 543 6.21 -15.80 27.61
CA ARG B 543 7.03 -16.88 28.24
C ARG B 543 7.89 -17.58 27.18
N ILE B 544 9.21 -17.62 27.40
CA ILE B 544 10.10 -18.38 26.48
C ILE B 544 10.04 -19.83 26.95
N VAL B 545 9.41 -20.73 26.20
CA VAL B 545 9.22 -22.12 26.71
C VAL B 545 10.15 -23.09 25.97
N VAL B 546 11.04 -23.75 26.72
CA VAL B 546 11.95 -24.77 26.11
C VAL B 546 11.21 -26.11 26.08
N PHE B 547 11.16 -26.75 24.91
CA PHE B 547 10.50 -28.08 24.80
C PHE B 547 11.47 -29.11 24.22
N GLN B 548 11.17 -30.39 24.42
CA GLN B 548 12.00 -31.48 23.85
C GLN B 548 11.09 -32.69 23.62
N TYR B 549 11.14 -33.29 22.43
CA TYR B 549 10.20 -34.40 22.12
C TYR B 549 10.81 -35.71 22.62
N SER B 550 10.32 -36.21 23.75
CA SER B 550 10.86 -37.47 24.33
C SER B 550 10.09 -38.67 23.77
N ASP B 551 10.67 -39.36 22.79
CA ASP B 551 10.04 -40.58 22.21
C ASP B 551 8.51 -40.43 22.14
N GLY B 552 8.02 -39.38 21.50
CA GLY B 552 6.56 -39.23 21.31
C GLY B 552 5.90 -38.31 22.32
N LYS B 553 6.65 -37.87 23.35
CA LYS B 553 6.04 -37.02 24.41
C LYS B 553 6.78 -35.69 24.48
N LEU B 554 6.06 -34.58 24.30
CA LEU B 554 6.69 -33.23 24.36
C LEU B 554 6.92 -32.85 25.83
N GLN B 555 8.17 -32.67 26.22
CA GLN B 555 8.50 -32.30 27.59
C GLN B 555 8.85 -30.83 27.67
N THR B 556 8.24 -30.13 28.63
CA THR B 556 8.55 -28.72 28.88
C THR B 556 9.80 -28.65 29.75
N VAL B 557 10.96 -28.61 29.09
CA VAL B 557 12.24 -28.60 29.85
C VAL B 557 12.32 -27.31 30.67
N ALA B 558 12.05 -26.15 30.06
CA ALA B 558 12.16 -24.86 30.77
C ALA B 558 11.04 -23.91 30.36
N GLU B 559 10.71 -22.94 31.21
CA GLU B 559 9.64 -21.95 30.90
C GLU B 559 10.02 -20.60 31.52
N LYS B 560 10.80 -19.79 30.80
CA LYS B 560 11.27 -18.49 31.34
C LYS B 560 10.25 -17.39 30.98
N GLU B 561 9.59 -16.81 31.99
CA GLU B 561 8.64 -15.70 31.75
C GLU B 561 9.43 -14.43 31.42
N VAL B 562 9.07 -13.75 30.33
CA VAL B 562 9.81 -12.52 29.89
C VAL B 562 8.83 -11.35 29.85
N LYS B 563 9.21 -10.20 30.42
CA LYS B 563 8.34 -9.00 30.36
C LYS B 563 8.08 -8.68 28.89
N GLY B 564 6.81 -8.47 28.53
CA GLY B 564 6.45 -8.18 27.12
C GLY B 564 6.29 -9.45 26.32
N ALA B 565 6.16 -9.34 25.00
CA ALA B 565 5.93 -10.52 24.15
C ALA B 565 7.23 -10.96 23.47
N VAL B 566 7.34 -12.23 23.10
CA VAL B 566 8.52 -12.74 22.41
C VAL B 566 8.18 -12.73 20.92
N TYR B 567 8.64 -11.70 20.22
CA TYR B 567 8.22 -11.53 18.84
C TYR B 567 9.00 -12.41 17.89
N SER B 568 10.30 -12.60 18.14
CA SER B 568 11.10 -13.44 17.26
C SER B 568 12.30 -14.00 17.99
N MET B 569 12.78 -15.14 17.50
CA MET B 569 13.88 -15.84 18.13
C MET B 569 14.76 -16.44 17.06
N VAL B 570 16.02 -16.70 17.42
CA VAL B 570 16.96 -17.37 16.53
C VAL B 570 18.14 -17.83 17.36
N GLU B 571 18.75 -18.94 16.95
CA GLU B 571 19.95 -19.41 17.61
C GLU B 571 21.13 -18.52 17.25
N PHE B 572 22.08 -18.39 18.19
CA PHE B 572 23.26 -17.57 17.97
C PHE B 572 24.43 -18.24 18.69
N ASN B 573 25.22 -19.01 17.95
CA ASN B 573 26.41 -19.67 18.48
C ASN B 573 26.10 -20.46 19.74
N GLY B 574 25.01 -21.23 19.70
CA GLY B 574 24.62 -22.01 20.84
C GLY B 574 23.87 -21.25 21.90
N LYS B 575 23.58 -19.98 21.68
CA LYS B 575 22.79 -19.17 22.61
C LYS B 575 21.55 -18.66 21.90
N LEU B 576 20.41 -18.76 22.56
CA LEU B 576 19.15 -18.28 21.99
C LEU B 576 19.10 -16.76 22.04
N LEU B 577 18.73 -16.15 20.93
CA LEU B 577 18.58 -14.69 20.86
C LEU B 577 17.09 -14.37 20.82
N ALA B 578 16.57 -13.91 21.95
CA ALA B 578 15.17 -13.54 22.06
C ALA B 578 14.95 -12.10 21.60
N SER B 579 13.70 -11.76 21.35
CA SER B 579 13.30 -10.40 21.01
C SER B 579 12.06 -10.03 21.82
N ILE B 580 12.27 -9.47 23.01
CA ILE B 580 11.16 -8.97 23.81
C ILE B 580 10.87 -7.54 23.39
N ASN B 581 9.72 -7.33 22.74
CA ASN B 581 9.33 -5.97 22.29
C ASN B 581 10.50 -5.31 21.56
N SER B 582 10.83 -4.08 21.91
CA SER B 582 11.96 -3.36 21.27
C SER B 582 13.28 -3.92 21.77
N THR B 583 13.29 -4.52 22.97
CA THR B 583 14.53 -5.04 23.52
C THR B 583 14.94 -6.32 22.80
N VAL B 584 16.25 -6.55 22.74
CA VAL B 584 16.80 -7.75 22.13
C VAL B 584 17.81 -8.36 23.07
N ARG B 585 17.42 -9.44 23.76
CA ARG B 585 18.28 -10.03 24.78
C ARG B 585 18.72 -11.42 24.36
N LEU B 586 20.01 -11.70 24.53
CA LEU B 586 20.55 -13.03 24.31
C LEU B 586 20.45 -13.83 25.61
N TYR B 587 20.20 -15.13 25.47
CA TYR B 587 20.05 -16.00 26.62
C TYR B 587 21.08 -17.13 26.57
N GLU B 588 21.49 -17.58 27.76
CA GLU B 588 22.44 -18.67 27.89
C GLU B 588 21.78 -19.87 28.53
N TRP B 589 22.14 -21.06 28.06
CA TRP B 589 21.60 -22.29 28.58
C TRP B 589 22.56 -22.85 29.63
N THR B 590 22.26 -22.58 30.90
CA THR B 590 23.09 -23.04 32.00
C THR B 590 22.95 -24.55 32.16
N THR B 591 23.92 -25.14 32.85
CA THR B 591 23.84 -26.55 33.19
C THR B 591 22.73 -26.83 34.19
N GLU B 592 22.26 -25.80 34.90
CA GLU B 592 21.13 -25.94 35.81
C GLU B 592 19.79 -26.03 35.09
N LYS B 593 19.81 -26.20 33.76
CA LYS B 593 18.62 -26.35 32.94
C LYS B 593 17.68 -25.16 33.12
N GLU B 594 18.22 -23.99 32.76
CA GLU B 594 17.46 -22.75 32.86
C GLU B 594 18.07 -21.74 31.90
N LEU B 595 17.30 -20.71 31.59
CA LEU B 595 17.74 -19.65 30.69
C LEU B 595 18.17 -18.43 31.50
N ARG B 596 19.35 -17.91 31.19
CA ARG B 596 19.87 -16.72 31.83
C ARG B 596 20.27 -15.71 30.78
N THR B 597 19.83 -14.47 30.95
CA THR B 597 20.09 -13.43 29.96
C THR B 597 21.54 -12.96 30.03
N GLU B 598 22.02 -12.41 28.93
CA GLU B 598 23.36 -11.84 28.85
C GLU B 598 23.39 -10.33 28.79
N CYS B 599 22.71 -9.73 27.82
CA CYS B 599 22.80 -8.29 27.60
C CYS B 599 21.50 -7.85 26.92
N ASN B 600 21.26 -6.54 26.92
CA ASN B 600 20.06 -5.98 26.33
C ASN B 600 20.45 -5.08 25.16
N HIS B 601 19.43 -4.57 24.48
CA HIS B 601 19.63 -3.61 23.40
C HIS B 601 18.33 -2.88 23.17
N TYR B 602 18.43 -1.66 22.65
CA TYR B 602 17.25 -0.83 22.40
C TYR B 602 17.44 0.05 21.18
N MET B 606 10.48 -1.71 17.91
CA MET B 606 9.77 -2.98 17.96
C MET B 606 10.44 -4.02 17.07
N ALA B 607 11.42 -4.73 17.63
CA ALA B 607 12.18 -5.71 16.85
C ALA B 607 11.29 -6.89 16.51
N LEU B 608 11.28 -7.26 15.23
CA LEU B 608 10.44 -8.34 14.75
C LEU B 608 11.18 -9.41 13.98
N TYR B 609 12.29 -9.08 13.32
CA TYR B 609 12.92 -9.98 12.37
C TYR B 609 14.37 -10.16 12.77
N LEU B 610 14.76 -11.38 13.13
CA LEU B 610 16.12 -11.68 13.57
C LEU B 610 16.72 -12.72 12.64
N LYS B 611 17.76 -12.33 11.92
CA LYS B 611 18.54 -13.25 11.11
C LYS B 611 20.00 -13.10 11.52
N THR B 612 20.71 -14.21 11.65
CA THR B 612 22.05 -14.21 12.21
C THR B 612 23.03 -14.84 11.22
N LYS B 613 24.14 -14.17 10.98
CA LYS B 613 25.25 -14.73 10.23
C LYS B 613 26.54 -14.47 10.99
N GLY B 614 27.27 -15.52 11.30
CA GLY B 614 28.49 -15.38 12.06
C GLY B 614 28.20 -14.73 13.40
N ASP B 615 28.94 -13.68 13.71
CA ASP B 615 28.74 -12.93 14.94
C ASP B 615 27.75 -11.78 14.73
N PHE B 616 27.37 -11.51 13.48
CA PHE B 616 26.54 -10.36 13.17
C PHE B 616 25.06 -10.71 13.28
N ILE B 617 24.30 -9.82 13.92
CA ILE B 617 22.87 -9.99 14.11
C ILE B 617 22.18 -8.90 13.31
N LEU B 618 21.29 -9.29 12.42
CA LEU B 618 20.49 -8.34 11.65
C LEU B 618 19.12 -8.21 12.31
N VAL B 619 18.77 -7.00 12.72
CA VAL B 619 17.50 -6.74 13.38
C VAL B 619 16.65 -5.90 12.45
N GLY B 620 15.54 -6.47 12.00
CA GLY B 620 14.61 -5.70 11.20
C GLY B 620 13.43 -5.21 12.02
N ASP B 621 13.45 -3.96 12.43
CA ASP B 621 12.32 -3.40 13.15
C ASP B 621 11.18 -3.09 12.19
N LEU B 622 10.03 -2.71 12.74
CA LEU B 622 8.89 -2.40 11.89
C LEU B 622 9.02 -1.04 11.21
N MET B 623 9.58 -0.05 11.90
CA MET B 623 9.72 1.26 11.29
C MET B 623 11.17 1.73 11.26
N ARG B 624 12.06 1.13 12.03
CA ARG B 624 13.47 1.51 12.05
C ARG B 624 14.28 0.78 10.99
N SER B 625 13.62 0.01 10.13
CA SER B 625 14.23 -0.68 8.99
C SER B 625 15.33 -1.61 9.53
N VAL B 626 16.53 -1.58 8.97
CA VAL B 626 17.55 -2.59 9.24
C VAL B 626 18.54 -2.06 10.25
N LEU B 627 18.94 -2.91 11.18
CA LEU B 627 19.93 -2.58 12.18
C LEU B 627 20.91 -3.73 12.31
N LEU B 628 22.14 -3.41 12.68
CA LEU B 628 23.19 -4.42 12.83
C LEU B 628 23.67 -4.50 14.27
N LEU B 629 24.22 -5.64 14.63
CA LEU B 629 24.73 -5.88 15.97
C LEU B 629 25.90 -6.87 15.90
N ALA B 630 26.58 -7.04 17.04
CA ALA B 630 27.67 -7.98 17.13
C ALA B 630 27.87 -8.37 18.58
N TYR B 631 28.63 -9.43 18.81
CA TYR B 631 28.92 -9.90 20.15
C TYR B 631 30.42 -10.04 20.37
N PHE B 638 26.07 -6.59 23.32
CA PHE B 638 25.91 -6.16 21.93
C PHE B 638 26.48 -4.78 21.72
N GLU B 639 26.88 -4.50 20.48
CA GLU B 639 27.35 -3.17 20.10
C GLU B 639 26.79 -2.85 18.72
N GLU B 640 26.08 -1.74 18.62
CA GLU B 640 25.51 -1.33 17.34
C GLU B 640 26.63 -1.09 16.34
N ILE B 641 26.40 -1.47 15.10
CA ILE B 641 27.37 -1.31 14.02
C ILE B 641 26.89 -0.31 12.99
N ALA B 642 25.74 -0.57 12.37
CA ALA B 642 25.24 0.32 11.34
C ALA B 642 23.75 0.07 11.17
N ARG B 643 23.01 1.15 10.93
CA ARG B 643 21.58 1.08 10.75
C ARG B 643 21.19 1.86 9.51
N ASP B 644 20.23 1.32 8.76
CA ASP B 644 19.66 2.03 7.61
C ASP B 644 18.60 2.96 8.19
N PHE B 645 18.87 4.26 8.12
CA PHE B 645 17.99 5.22 8.78
C PHE B 645 16.70 5.43 8.00
N ASN B 646 16.71 5.15 6.70
CA ASN B 646 15.54 5.40 5.87
C ASN B 646 14.36 4.53 6.33
N PRO B 647 13.23 5.12 6.78
CA PRO B 647 12.13 4.31 7.34
C PRO B 647 11.47 3.38 6.30
N ASN B 648 11.31 2.11 6.65
CA ASN B 648 10.63 1.13 5.74
C ASN B 648 9.92 0.09 6.60
N TRP B 649 8.66 -0.21 6.28
CA TRP B 649 7.91 -1.25 7.02
C TRP B 649 8.31 -2.63 6.50
N MET B 650 9.52 -3.10 6.86
CA MET B 650 10.03 -4.38 6.34
C MET B 650 9.05 -5.52 6.69
N SER B 651 8.92 -6.50 5.79
CA SER B 651 8.06 -7.68 6.06
C SER B 651 8.95 -8.88 6.35
N ALA B 652 10.19 -8.85 5.84
CA ALA B 652 11.16 -9.94 6.10
C ALA B 652 12.57 -9.42 5.78
N VAL B 653 13.60 -10.00 6.42
CA VAL B 653 15.01 -9.56 6.17
C VAL B 653 15.86 -10.81 5.86
N GLU B 654 17.04 -10.61 5.28
CA GLU B 654 17.91 -11.73 4.94
C GLU B 654 19.32 -11.22 4.74
N ILE B 655 20.30 -11.99 5.22
CA ILE B 655 21.71 -11.64 5.09
C ILE B 655 22.27 -12.52 3.97
N LEU B 656 22.36 -11.96 2.77
CA LEU B 656 22.95 -12.69 1.65
C LEU B 656 24.42 -13.02 1.93
N ASP B 657 25.23 -11.98 2.02
CA ASP B 657 26.66 -12.13 2.24
C ASP B 657 26.97 -11.37 3.52
N ASP B 658 28.22 -11.40 3.97
CA ASP B 658 28.57 -10.69 5.19
C ASP B 658 28.36 -9.19 5.06
N ASP B 659 28.30 -8.66 3.84
CA ASP B 659 28.15 -7.23 3.62
C ASP B 659 26.98 -6.87 2.73
N ASN B 660 26.10 -7.81 2.41
CA ASN B 660 24.95 -7.54 1.55
C ASN B 660 23.69 -7.94 2.31
N PHE B 661 23.00 -6.96 2.88
CA PHE B 661 21.82 -7.19 3.70
C PHE B 661 20.60 -6.74 2.91
N LEU B 662 19.58 -7.59 2.89
CA LEU B 662 18.40 -7.35 2.07
C LEU B 662 17.13 -7.48 2.90
N GLY B 663 16.12 -6.72 2.51
CA GLY B 663 14.82 -6.79 3.15
C GLY B 663 13.74 -6.37 2.18
N ALA B 664 12.51 -6.75 2.52
CA ALA B 664 11.35 -6.36 1.70
C ALA B 664 10.39 -5.57 2.59
N GLU B 665 9.96 -4.40 2.13
CA GLU B 665 9.06 -3.53 2.92
C GLU B 665 7.60 -3.91 2.65
N ASN B 666 6.66 -3.05 3.04
CA ASN B 666 5.21 -3.33 2.85
C ASN B 666 4.77 -2.81 1.48
N ALA B 667 5.69 -2.18 0.73
CA ALA B 667 5.34 -1.62 -0.60
C ALA B 667 5.65 -2.66 -1.68
N PHE B 668 5.75 -3.93 -1.30
CA PHE B 668 6.03 -5.02 -2.28
C PHE B 668 7.31 -4.67 -3.06
N ASN B 669 8.32 -4.15 -2.36
CA ASN B 669 9.56 -3.73 -3.05
C ASN B 669 10.78 -4.37 -2.38
N LEU B 670 11.86 -4.57 -3.14
CA LEU B 670 13.07 -5.24 -2.61
C LEU B 670 14.24 -4.25 -2.59
N PHE B 671 14.95 -4.14 -1.47
CA PHE B 671 16.12 -3.29 -1.37
C PHE B 671 17.23 -4.02 -0.65
N VAL B 672 18.45 -3.85 -1.14
CA VAL B 672 19.64 -4.43 -0.53
C VAL B 672 20.54 -3.29 -0.08
N CYS B 673 20.97 -3.33 1.18
CA CYS B 673 21.81 -2.28 1.75
C CYS B 673 23.13 -2.89 2.15
N GLN B 674 24.22 -2.18 1.87
CA GLN B 674 25.55 -2.65 2.22
C GLN B 674 26.07 -1.93 3.45
N LYS B 675 27.15 -2.46 4.00
CA LYS B 675 27.85 -1.87 5.13
C LYS B 675 29.17 -1.33 4.63
N ASP B 676 29.25 -0.01 4.45
CA ASP B 676 30.50 0.59 4.02
C ASP B 676 31.51 0.55 5.15
N SER B 677 32.76 0.21 4.82
CA SER B 677 33.82 0.13 5.82
C SER B 677 34.73 1.35 5.75
N THR B 681 35.99 7.39 7.45
CA THR B 681 34.79 6.62 7.75
C THR B 681 34.74 6.26 9.23
N ASP B 682 35.04 7.22 10.09
CA ASP B 682 35.04 6.97 11.52
C ASP B 682 33.63 6.69 12.04
N GLU B 683 32.64 7.38 11.50
CA GLU B 683 31.24 7.14 11.84
C GLU B 683 30.37 6.86 10.64
N GLU B 684 30.77 7.25 9.43
CA GLU B 684 29.97 6.97 8.24
C GLU B 684 29.77 5.48 8.05
N ARG B 685 30.66 4.66 8.62
CA ARG B 685 30.48 3.23 8.58
C ARG B 685 29.19 2.81 9.28
N GLN B 686 28.70 3.63 10.21
CA GLN B 686 27.46 3.31 10.91
C GLN B 686 26.25 3.58 10.04
N HIS B 687 26.47 4.02 8.81
CA HIS B 687 25.40 4.26 7.86
C HIS B 687 25.36 3.14 6.83
N LEU B 688 24.17 2.61 6.59
CA LEU B 688 23.94 1.56 5.60
C LEU B 688 23.40 2.21 4.33
N GLN B 689 24.14 2.08 3.24
CA GLN B 689 23.71 2.66 1.97
C GLN B 689 22.97 1.63 1.13
N GLU B 690 21.73 1.95 0.77
CA GLU B 690 20.90 1.05 -0.01
C GLU B 690 21.47 0.97 -1.41
N VAL B 691 22.23 -0.09 -1.68
CA VAL B 691 22.92 -0.19 -2.96
C VAL B 691 21.93 -0.41 -4.10
N GLY B 692 20.99 -1.33 -3.93
CA GLY B 692 20.09 -1.71 -5.00
C GLY B 692 18.64 -1.66 -4.58
N LEU B 693 17.80 -1.23 -5.51
CA LEU B 693 16.36 -1.13 -5.29
C LEU B 693 15.63 -1.88 -6.38
N PHE B 694 14.44 -2.39 -6.04
CA PHE B 694 13.66 -3.18 -6.99
C PHE B 694 12.21 -3.23 -6.51
N HIS B 695 11.27 -3.15 -7.46
CA HIS B 695 9.84 -3.31 -7.10
C HIS B 695 9.39 -4.72 -7.47
N LEU B 696 9.46 -5.64 -6.51
CA LEU B 696 9.05 -7.05 -6.78
C LEU B 696 7.58 -7.08 -7.21
N GLY B 697 6.70 -6.48 -6.40
CA GLY B 697 5.26 -6.48 -6.72
C GLY B 697 4.50 -7.50 -5.88
N GLU B 698 5.20 -8.16 -4.95
CA GLU B 698 4.53 -9.16 -4.06
C GLU B 698 4.99 -8.93 -2.62
N PHE B 699 4.11 -9.19 -1.66
CA PHE B 699 4.46 -9.02 -0.22
C PHE B 699 5.22 -10.25 0.26
N VAL B 700 6.55 -10.24 0.13
CA VAL B 700 7.35 -11.39 0.66
C VAL B 700 7.17 -11.42 2.18
N ASN B 701 6.83 -12.60 2.72
CA ASN B 701 6.57 -12.72 4.18
C ASN B 701 7.79 -13.33 4.86
N VAL B 702 8.59 -14.12 4.13
CA VAL B 702 9.74 -14.81 4.76
C VAL B 702 10.92 -14.94 3.80
N PHE B 703 12.14 -14.97 4.34
CA PHE B 703 13.35 -15.17 3.50
C PHE B 703 14.08 -16.40 4.03
N CYS B 704 14.24 -17.43 3.19
CA CYS B 704 14.86 -18.66 3.63
C CYS B 704 16.09 -18.93 2.78
N HIS B 705 17.14 -19.45 3.42
CA HIS B 705 18.42 -19.65 2.76
C HIS B 705 18.47 -21.07 2.19
N GLY B 706 18.81 -21.19 0.91
CA GLY B 706 18.88 -22.50 0.29
C GLY B 706 18.50 -22.47 -1.18
N SER B 707 18.34 -23.65 -1.79
CA SER B 707 17.92 -23.76 -3.18
C SER B 707 17.28 -25.11 -3.40
N LEU B 708 16.36 -25.18 -4.36
CA LEU B 708 15.66 -26.43 -4.64
C LEU B 708 16.55 -27.42 -5.39
N VAL B 709 17.29 -26.93 -6.37
CA VAL B 709 18.09 -27.81 -7.22
C VAL B 709 19.22 -28.47 -6.44
N GLY B 722 25.16 -17.71 -4.40
CA GLY B 722 24.21 -17.94 -3.34
C GLY B 722 22.79 -18.07 -3.83
N SER B 723 21.86 -18.38 -2.92
CA SER B 723 20.45 -18.45 -3.27
C SER B 723 19.61 -18.19 -2.04
N VAL B 724 18.59 -17.36 -2.20
CA VAL B 724 17.68 -17.02 -1.12
C VAL B 724 16.27 -17.29 -1.63
N LEU B 725 15.50 -18.06 -0.87
CA LEU B 725 14.11 -18.32 -1.21
C LEU B 725 13.21 -17.37 -0.45
N PHE B 726 12.17 -16.85 -1.14
CA PHE B 726 11.21 -15.93 -0.48
C PHE B 726 9.78 -16.38 -0.80
N GLY B 727 8.85 -16.14 0.12
CA GLY B 727 7.44 -16.56 -0.07
C GLY B 727 6.49 -15.37 0.00
N THR B 728 5.49 -15.33 -0.88
CA THR B 728 4.58 -14.16 -0.93
C THR B 728 3.15 -14.59 -0.61
N VAL B 729 2.31 -13.64 -0.18
CA VAL B 729 0.88 -13.96 0.14
C VAL B 729 0.22 -14.50 -1.12
N ASN B 730 0.61 -13.98 -2.30
CA ASN B 730 0.01 -14.43 -3.58
C ASN B 730 0.50 -15.86 -3.88
N GLY B 731 1.54 -16.32 -3.20
CA GLY B 731 2.02 -17.70 -3.39
C GLY B 731 3.19 -17.78 -4.35
N MET B 732 3.82 -16.64 -4.65
CA MET B 732 4.97 -16.64 -5.52
C MET B 732 6.21 -17.09 -4.74
N ILE B 733 7.02 -17.91 -5.38
CA ILE B 733 8.28 -18.38 -4.82
C ILE B 733 9.39 -17.96 -5.78
N GLY B 734 10.37 -17.23 -5.26
CA GLY B 734 11.36 -16.62 -6.11
C GLY B 734 12.77 -16.83 -5.59
N LEU B 735 13.72 -16.65 -6.49
CA LEU B 735 15.13 -16.94 -6.23
C LEU B 735 15.90 -15.62 -6.27
N VAL B 736 16.55 -15.28 -5.15
CA VAL B 736 17.46 -14.14 -5.15
C VAL B 736 18.89 -14.66 -5.18
N THR B 737 19.61 -14.37 -6.25
CA THR B 737 20.96 -14.90 -6.44
C THR B 737 21.92 -13.76 -6.77
N SER B 738 23.10 -13.79 -6.15
CA SER B 738 24.09 -12.76 -6.37
C SER B 738 24.73 -12.91 -7.75
N LEU B 739 25.28 -11.81 -8.25
CA LEU B 739 25.93 -11.78 -9.55
C LEU B 739 27.26 -11.05 -9.44
N SER B 740 28.15 -11.36 -10.37
CA SER B 740 29.40 -10.63 -10.49
C SER B 740 29.21 -9.35 -11.29
N GLU B 741 30.10 -8.39 -11.07
CA GLU B 741 29.94 -7.07 -11.67
C GLU B 741 29.90 -7.14 -13.19
N SER B 742 30.85 -7.84 -13.80
CA SER B 742 30.86 -7.96 -15.25
C SER B 742 29.59 -8.65 -15.74
N TRP B 743 29.21 -9.73 -15.05
CA TRP B 743 28.02 -10.47 -15.46
C TRP B 743 26.77 -9.63 -15.26
N TYR B 744 26.73 -8.85 -14.17
CA TYR B 744 25.61 -7.95 -13.94
C TYR B 744 25.50 -6.89 -15.03
N ASN B 745 26.65 -6.33 -15.44
CA ASN B 745 26.63 -5.34 -16.51
C ASN B 745 26.12 -5.94 -17.80
N LEU B 746 26.60 -7.15 -18.12
CA LEU B 746 26.14 -7.82 -19.33
C LEU B 746 24.64 -8.07 -19.27
N LEU B 747 24.15 -8.52 -18.12
CA LEU B 747 22.72 -8.80 -18.00
C LEU B 747 21.88 -7.53 -18.06
N LEU B 748 22.40 -6.43 -17.53
CA LEU B 748 21.64 -5.19 -17.57
C LEU B 748 21.55 -4.65 -19.00
N ASP B 749 22.67 -4.69 -19.72
CA ASP B 749 22.62 -4.35 -21.15
C ASP B 749 21.68 -5.29 -21.89
N MET B 750 21.72 -6.57 -21.54
CA MET B 750 20.83 -7.57 -22.12
C MET B 750 19.38 -7.15 -21.94
N GLN B 751 18.99 -6.84 -20.71
CA GLN B 751 17.62 -6.47 -20.40
C GLN B 751 17.23 -5.18 -21.11
N ASN B 752 18.14 -4.21 -21.16
CA ASN B 752 17.84 -2.95 -21.82
C ASN B 752 17.51 -3.21 -23.29
N ARG B 753 18.36 -3.97 -23.98
CA ARG B 753 18.10 -4.23 -25.39
C ARG B 753 16.86 -5.09 -25.57
N LEU B 754 16.62 -6.04 -24.68
CA LEU B 754 15.45 -6.90 -24.80
C LEU B 754 14.17 -6.10 -24.67
N ASN B 755 14.15 -5.14 -23.75
CA ASN B 755 12.99 -4.27 -23.59
C ASN B 755 12.63 -3.59 -24.90
N LYS B 756 13.65 -3.25 -25.69
CA LYS B 756 13.41 -2.56 -26.96
C LYS B 756 12.76 -3.48 -27.98
N VAL B 757 13.07 -4.77 -27.95
CA VAL B 757 12.60 -5.67 -29.00
C VAL B 757 11.34 -6.40 -28.56
N ILE B 758 11.17 -6.59 -27.25
CA ILE B 758 9.95 -7.24 -26.77
C ILE B 758 8.88 -6.18 -26.57
N LYS B 759 7.66 -6.49 -26.97
CA LYS B 759 6.58 -5.55 -26.75
C LYS B 759 6.02 -5.74 -25.35
N SER B 760 5.29 -4.72 -24.88
CA SER B 760 4.67 -4.74 -23.57
C SER B 760 3.17 -4.69 -23.74
N VAL B 761 2.47 -5.68 -23.18
CA VAL B 761 1.02 -5.65 -23.18
C VAL B 761 0.55 -4.46 -22.36
N GLY B 762 -0.37 -3.68 -22.93
CA GLY B 762 -0.79 -2.46 -22.27
C GLY B 762 0.20 -1.33 -22.36
N LYS B 763 1.26 -1.47 -23.15
CA LYS B 763 2.25 -0.42 -23.34
C LYS B 763 2.82 0.06 -22.00
N ILE B 764 3.15 -0.89 -21.14
CA ILE B 764 3.68 -0.57 -19.82
C ILE B 764 5.19 -0.70 -19.88
N GLU B 765 5.89 0.39 -19.57
CA GLU B 765 7.34 0.39 -19.60
C GLU B 765 7.89 -0.49 -18.49
N HIS B 766 8.74 -1.45 -18.85
CA HIS B 766 9.28 -2.37 -17.87
C HIS B 766 10.11 -1.63 -16.83
N SER B 767 10.82 -0.59 -17.24
CA SER B 767 11.58 0.21 -16.30
C SER B 767 10.66 0.82 -15.25
N PHE B 768 9.52 1.35 -15.69
CA PHE B 768 8.56 1.89 -14.73
C PHE B 768 7.99 0.79 -13.84
N TRP B 769 7.67 -0.37 -14.42
CA TRP B 769 7.06 -1.43 -13.63
C TRP B 769 8.01 -1.90 -12.55
N ARG B 770 9.28 -2.08 -12.88
CA ARG B 770 10.25 -2.56 -11.90
C ARG B 770 10.85 -1.43 -11.07
N SER B 771 10.61 -0.18 -11.43
CA SER B 771 11.18 0.93 -10.67
C SER B 771 10.65 0.94 -9.25
N PHE B 772 11.52 1.29 -8.31
CA PHE B 772 11.12 1.39 -6.91
C PHE B 772 9.97 2.35 -6.75
N HIS B 773 9.01 1.98 -5.91
CA HIS B 773 7.86 2.85 -5.68
C HIS B 773 7.38 2.66 -4.25
N THR B 774 7.27 3.77 -3.52
CA THR B 774 6.63 3.78 -2.22
C THR B 774 5.82 5.07 -2.11
N GLU B 775 5.08 5.19 -1.01
CA GLU B 775 4.20 6.34 -0.85
C GLU B 775 4.98 7.64 -0.81
N ARG B 776 6.25 7.58 -0.42
CA ARG B 776 7.05 8.79 -0.27
C ARG B 776 7.90 9.07 -1.51
N LYS B 777 8.66 8.09 -1.97
CA LYS B 777 9.64 8.30 -3.02
C LYS B 777 9.56 7.18 -4.04
N THR B 778 10.02 7.48 -5.26
CA THR B 778 10.13 6.47 -6.32
C THR B 778 11.48 6.67 -6.99
N GLU B 779 12.24 5.59 -7.16
CA GLU B 779 13.52 5.61 -7.83
C GLU B 779 13.59 4.48 -8.83
N PRO B 780 14.40 4.61 -9.87
CA PRO B 780 14.59 3.49 -10.81
C PRO B 780 15.26 2.31 -10.14
N ALA B 781 15.03 1.11 -10.67
CA ALA B 781 15.57 -0.10 -10.09
C ALA B 781 17.06 -0.22 -10.39
N THR B 782 17.84 -0.55 -9.37
CA THR B 782 19.28 -0.71 -9.51
C THR B 782 19.71 -1.98 -8.79
N GLY B 783 20.85 -2.53 -9.21
CA GLY B 783 21.43 -3.68 -8.58
C GLY B 783 20.61 -4.95 -8.70
N PHE B 784 19.61 -4.97 -9.55
CA PHE B 784 18.70 -6.11 -9.66
C PHE B 784 18.39 -6.37 -11.12
N ILE B 785 18.31 -7.64 -11.49
CA ILE B 785 17.96 -8.05 -12.84
C ILE B 785 16.61 -8.73 -12.80
N ASP B 786 15.69 -8.30 -13.67
CA ASP B 786 14.31 -8.79 -13.62
C ASP B 786 14.26 -10.30 -13.76
N GLY B 787 15.18 -10.88 -14.51
CA GLY B 787 15.23 -12.32 -14.63
C GLY B 787 14.19 -12.89 -15.57
N ASP B 788 12.91 -12.66 -15.24
CA ASP B 788 11.85 -13.18 -16.09
C ASP B 788 11.94 -12.64 -17.51
N LEU B 789 12.26 -11.35 -17.63
CA LEU B 789 12.50 -10.77 -18.94
C LEU B 789 13.58 -11.55 -19.68
N ILE B 790 14.69 -11.84 -19.01
CA ILE B 790 15.78 -12.58 -19.66
C ILE B 790 15.31 -13.98 -20.04
N GLU B 791 14.46 -14.59 -19.23
CA GLU B 791 13.90 -15.88 -19.59
C GLU B 791 13.09 -15.79 -20.87
N SER B 792 12.34 -14.70 -21.03
CA SER B 792 11.58 -14.52 -22.27
C SER B 792 12.48 -14.52 -23.49
N PHE B 793 13.74 -14.11 -23.33
CA PHE B 793 14.66 -13.98 -24.46
C PHE B 793 14.83 -15.32 -25.17
N LEU B 794 14.96 -16.39 -24.41
CA LEU B 794 15.12 -17.70 -25.02
C LEU B 794 13.87 -18.13 -25.78
N ASP B 795 12.70 -17.65 -25.35
CA ASP B 795 11.46 -18.10 -25.98
C ASP B 795 11.22 -17.42 -27.32
N ILE B 796 11.72 -16.19 -27.50
CA ILE B 796 11.52 -15.47 -28.75
C ILE B 796 12.25 -16.18 -29.89
N SER B 797 11.90 -15.77 -31.11
CA SER B 797 12.43 -16.43 -32.31
C SER B 797 13.86 -15.99 -32.59
N ARG B 798 14.59 -16.85 -33.28
CA ARG B 798 15.98 -16.57 -33.66
C ARG B 798 16.15 -15.29 -34.48
N PRO B 799 15.28 -14.97 -35.44
CA PRO B 799 15.41 -13.67 -36.11
C PRO B 799 15.36 -12.49 -35.15
N LYS B 800 14.53 -12.59 -34.11
CA LYS B 800 14.48 -11.52 -33.11
C LYS B 800 15.68 -11.59 -32.17
N MET B 801 16.24 -12.79 -31.96
CA MET B 801 17.52 -12.87 -31.26
C MET B 801 18.59 -12.12 -32.03
N GLN B 802 18.58 -12.24 -33.35
CA GLN B 802 19.52 -11.51 -34.19
C GLN B 802 19.42 -10.00 -33.93
N GLU B 803 18.20 -9.52 -33.71
CA GLU B 803 18.04 -8.10 -33.42
C GLU B 803 18.52 -7.75 -32.02
N VAL B 804 18.14 -8.54 -31.02
CA VAL B 804 18.43 -8.17 -29.64
C VAL B 804 19.93 -8.21 -29.37
N VAL B 805 20.63 -9.14 -30.02
CA VAL B 805 22.11 -9.23 -29.84
C VAL B 805 22.75 -7.99 -30.48
N ALA B 806 22.20 -7.50 -31.60
CA ALA B 806 22.73 -6.29 -32.27
C ALA B 806 24.26 -6.28 -32.24
N ASN B 807 24.86 -5.16 -31.83
CA ASN B 807 26.31 -5.06 -31.75
C ASN B 807 26.78 -5.46 -30.35
N LEU B 808 27.84 -6.26 -30.30
CA LEU B 808 28.35 -6.77 -29.04
C LEU B 808 29.79 -7.24 -29.17
N ALA B 822 24.98 -15.63 -30.34
CA ALA B 822 23.70 -16.29 -30.12
C ALA B 822 23.84 -17.41 -29.09
N ASP B 823 24.74 -18.34 -29.40
CA ASP B 823 24.83 -19.58 -28.62
C ASP B 823 25.24 -19.30 -27.18
N ASP B 824 26.15 -18.35 -26.97
CA ASP B 824 26.60 -18.04 -25.62
C ASP B 824 25.48 -17.46 -24.77
N LEU B 825 24.69 -16.55 -25.34
CA LEU B 825 23.53 -16.03 -24.62
C LEU B 825 22.53 -17.15 -24.34
N ILE B 826 22.34 -18.04 -25.30
CA ILE B 826 21.47 -19.19 -25.07
C ILE B 826 21.96 -20.01 -23.89
N LYS B 827 23.28 -20.21 -23.80
CA LYS B 827 23.83 -21.02 -22.72
C LYS B 827 23.67 -20.33 -21.37
N VAL B 828 23.89 -19.01 -21.32
CA VAL B 828 23.78 -18.32 -20.05
C VAL B 828 22.33 -18.33 -19.57
N VAL B 829 21.38 -18.14 -20.48
CA VAL B 829 19.99 -18.19 -20.05
C VAL B 829 19.57 -19.62 -19.73
N GLU B 830 20.22 -20.60 -20.36
CA GLU B 830 19.94 -22.00 -20.04
C GLU B 830 20.34 -22.32 -18.61
N GLU B 831 21.54 -21.90 -18.21
CA GLU B 831 21.95 -22.13 -16.83
C GLU B 831 21.15 -21.27 -15.87
N LEU B 832 20.69 -20.10 -16.32
CA LEU B 832 19.80 -19.30 -15.50
C LEU B 832 18.47 -20.00 -15.28
N THR B 833 18.03 -20.81 -16.25
CA THR B 833 16.88 -21.66 -16.01
C THR B 833 17.23 -22.81 -15.07
N LEU C 5 -36.90 -23.21 -6.67
CA LEU C 5 -35.58 -22.69 -6.33
C LEU C 5 -34.53 -23.52 -7.06
N LYS C 6 -33.39 -22.90 -7.36
CA LYS C 6 -32.32 -23.45 -8.19
C LYS C 6 -32.73 -23.64 -9.64
N GLY C 7 -33.55 -22.74 -10.16
CA GLY C 7 -33.83 -22.77 -11.62
C GLY C 7 -32.71 -22.00 -12.30
N LEU C 8 -31.45 -22.35 -12.00
CA LEU C 8 -30.28 -21.59 -12.52
C LEU C 8 -30.29 -21.50 -14.05
N PRO C 9 -29.78 -20.40 -14.64
CA PRO C 9 -29.73 -20.24 -16.10
C PRO C 9 -28.53 -20.92 -16.75
N VAL C 10 -28.63 -21.24 -18.05
CA VAL C 10 -27.51 -21.89 -18.78
C VAL C 10 -27.29 -21.16 -20.11
N TYR C 11 -26.10 -20.61 -20.34
CA TYR C 11 -25.79 -19.89 -21.60
C TYR C 11 -25.72 -20.89 -22.76
N ASN C 12 -25.34 -22.14 -22.46
CA ASN C 12 -25.20 -23.18 -23.48
C ASN C 12 -25.06 -24.50 -22.75
N LYS C 13 -25.94 -25.45 -23.06
CA LYS C 13 -26.02 -26.69 -22.29
C LYS C 13 -24.79 -27.56 -22.50
N SER C 14 -24.10 -27.38 -23.64
CA SER C 14 -22.98 -28.26 -23.96
C SER C 14 -21.85 -28.12 -22.96
N ASN C 15 -21.59 -26.90 -22.48
CA ASN C 15 -20.46 -26.66 -21.59
C ASN C 15 -20.57 -27.49 -20.33
N PHE C 16 -19.42 -28.01 -19.86
CA PHE C 16 -19.38 -28.79 -18.59
C PHE C 16 -20.23 -30.05 -18.73
N SER C 17 -20.06 -30.80 -19.82
CA SER C 17 -20.78 -32.06 -19.98
C SER C 17 -19.85 -33.25 -20.18
N ARG C 18 -18.60 -33.03 -20.59
CA ARG C 18 -17.64 -34.12 -20.70
C ARG C 18 -16.65 -34.17 -19.55
N PHE C 19 -16.77 -33.28 -18.58
CA PHE C 19 -15.87 -33.29 -17.45
C PHE C 19 -16.16 -34.54 -16.62
N ARG C 31 -0.92 -22.57 -16.53
CA ARG C 31 -1.39 -23.60 -17.49
C ARG C 31 -1.55 -22.99 -18.88
N PRO C 32 -2.32 -21.88 -19.06
CA PRO C 32 -2.41 -21.23 -20.38
C PRO C 32 -1.04 -20.74 -20.85
N SER C 33 -0.75 -20.89 -22.15
CA SER C 33 0.58 -20.49 -22.68
C SER C 33 0.81 -18.99 -22.45
N VAL C 34 2.03 -18.61 -22.04
CA VAL C 34 2.36 -17.18 -21.83
C VAL C 34 2.34 -16.46 -23.18
N TYR C 35 1.75 -15.27 -23.24
CA TYR C 35 1.71 -14.49 -24.51
C TYR C 35 2.80 -13.41 -24.48
N LEU C 36 3.91 -13.64 -25.18
CA LEU C 36 4.93 -12.61 -25.28
C LEU C 36 4.72 -11.86 -26.59
N PRO C 37 4.42 -10.57 -26.56
CA PRO C 37 4.15 -9.83 -27.80
C PRO C 37 5.44 -9.45 -28.50
N THR C 38 5.56 -9.87 -29.76
CA THR C 38 6.69 -9.50 -30.60
C THR C 38 6.34 -8.41 -31.61
N ARG C 39 5.29 -8.63 -32.40
CA ARG C 39 4.83 -7.58 -33.31
C ARG C 39 4.16 -6.47 -32.52
N GLU C 40 4.09 -5.29 -33.15
CA GLU C 40 3.50 -4.12 -32.53
C GLU C 40 2.32 -3.63 -33.36
N TYR C 41 1.20 -3.40 -32.69
CA TYR C 41 0.02 -2.81 -33.30
C TYR C 41 -0.22 -1.45 -32.65
N PRO C 42 -0.25 -0.36 -33.41
CA PRO C 42 -0.36 0.97 -32.79
C PRO C 42 -1.62 1.12 -31.95
N SER C 43 -1.48 1.81 -30.83
CA SER C 43 -2.61 2.02 -29.92
C SER C 43 -3.63 2.95 -30.56
N GLU C 44 -4.90 2.58 -30.42
CA GLU C 44 -5.97 3.39 -31.02
C GLU C 44 -6.11 4.72 -30.31
N GLN C 45 -6.14 4.71 -28.98
CA GLN C 45 -6.34 5.93 -28.19
C GLN C 45 -5.40 5.92 -27.00
N ILE C 46 -5.26 7.08 -26.38
CA ILE C 46 -4.37 7.28 -25.24
C ILE C 46 -5.16 7.93 -24.13
N ILE C 47 -5.06 7.39 -22.91
CA ILE C 47 -5.64 8.08 -21.77
C ILE C 47 -4.75 9.26 -21.39
N VAL C 48 -5.39 10.41 -21.20
CA VAL C 48 -4.73 11.59 -20.66
C VAL C 48 -5.60 12.12 -19.53
N THR C 49 -4.96 12.48 -18.42
CA THR C 49 -5.65 12.98 -17.25
C THR C 49 -5.60 14.49 -17.24
N GLU C 50 -6.74 15.12 -16.98
CA GLU C 50 -6.76 16.58 -16.84
C GLU C 50 -5.96 16.99 -15.62
N LYS C 51 -5.09 17.98 -15.80
CA LYS C 51 -4.20 18.44 -14.75
C LYS C 51 -4.73 19.64 -14.00
N THR C 52 -5.69 20.37 -14.57
CA THR C 52 -6.20 21.57 -13.93
C THR C 52 -6.81 21.23 -12.58
N ASN C 53 -6.50 22.05 -11.58
CA ASN C 53 -6.98 21.79 -10.23
C ASN C 53 -8.49 21.98 -10.18
N ILE C 54 -9.13 21.29 -9.23
CA ILE C 54 -10.59 21.22 -9.20
C ILE C 54 -11.20 22.57 -8.82
N LEU C 55 -10.61 23.28 -7.85
CA LEU C 55 -11.04 24.65 -7.59
C LEU C 55 -10.89 25.50 -8.84
N LEU C 56 -9.77 25.35 -9.53
CA LEU C 56 -9.50 26.18 -10.70
C LEU C 56 -10.58 25.97 -11.75
N ARG C 57 -10.88 24.71 -12.04
CA ARG C 57 -11.90 24.38 -13.03
C ARG C 57 -13.27 24.91 -12.61
N TYR C 58 -13.63 24.70 -11.34
CA TYR C 58 -14.97 25.09 -10.89
C TYR C 58 -15.13 26.61 -10.94
N LEU C 59 -14.15 27.35 -10.43
CA LEU C 59 -14.25 28.79 -10.43
C LEU C 59 -14.24 29.36 -11.84
N HIS C 60 -13.42 28.80 -12.72
CA HIS C 60 -13.45 29.27 -14.12
C HIS C 60 -14.79 28.94 -14.78
N GLN C 61 -15.37 27.79 -14.49
CA GLN C 61 -16.66 27.46 -15.09
C GLN C 61 -17.75 28.41 -14.62
N GLN C 62 -17.75 28.75 -13.33
CA GLN C 62 -18.69 29.76 -12.86
C GLN C 62 -18.39 31.13 -13.46
N TRP C 63 -17.12 31.44 -13.71
CA TRP C 63 -16.80 32.67 -14.41
C TRP C 63 -17.42 32.69 -15.80
N ASP C 64 -17.36 31.54 -16.50
CA ASP C 64 -17.94 31.45 -17.83
C ASP C 64 -19.44 31.73 -17.77
N LYS C 65 -20.13 31.18 -16.77
CA LYS C 65 -21.57 31.31 -16.69
C LYS C 65 -22.00 32.77 -16.57
N LYS C 66 -21.32 33.53 -15.71
CA LYS C 66 -21.70 34.93 -15.54
C LYS C 66 -21.06 35.83 -16.60
N ASN C 67 -20.24 35.28 -17.48
CA ASN C 67 -19.69 36.06 -18.58
C ASN C 67 -20.60 35.95 -19.80
#